data_1LK7
#
_entry.id   1LK7
#
_cell.length_a   73.689
_cell.length_b   114.923
_cell.length_c   119.578
_cell.angle_alpha   90.00
_cell.angle_beta   90.00
_cell.angle_gamma   90.00
#
_symmetry.space_group_name_H-M   'P 21 21 21'
#
loop_
_entity.id
_entity.type
_entity.pdbx_description
1 polymer 'D-Ribose-5-Phosphate Isomerase'
2 non-polymer 'CHLORIDE ION'
3 non-polymer 'SODIUM ION'
4 non-polymer 'D-4-PHOSPHOERYTHRONIC ACID'
5 water water
#
_entity_poly.entity_id   1
_entity_poly.type   'polypeptide(L)'
_entity_poly.pdbx_seq_one_letter_code
;MNVEEMKKIAAKEALKFIEDDMVIGLGTGSTTAYFIKLLGEKLKRGEISDIVGVPTSYQAKLLAIEHDIPIASLDQVDAI
DVAVDGADEVDPNLNLIKGRGAALTMEKIIEYRAGTFIVLVDERKLVDYLCQKMPVPIEVIPQAWKAIIEELSIFNAKAE
LRMGVNKDGPVITDNGNFIIDAKFPRIDDPLDMEIELNTIPGVIENGIFADIADIVIVGTREGVKKLER
;
_entity_poly.pdbx_strand_id   A,B,C,D
#
loop_
_chem_comp.id
_chem_comp.type
_chem_comp.name
_chem_comp.formula
CL non-polymer 'CHLORIDE ION' 'Cl -1'
DER non-polymer 'D-4-PHOSPHOERYTHRONIC ACID' 'C4 H9 O8 P'
NA non-polymer 'SODIUM ION' 'Na 1'
#
# COMPACT_ATOMS: atom_id res chain seq x y z
N MET A 1 4.93 -30.48 29.37
CA MET A 1 6.35 -30.09 29.62
C MET A 1 6.51 -28.60 29.39
N ASN A 2 5.39 -27.93 29.16
CA ASN A 2 5.34 -26.48 28.94
C ASN A 2 5.39 -26.20 27.45
N VAL A 3 4.37 -25.49 26.96
CA VAL A 3 4.26 -25.23 25.54
C VAL A 3 5.57 -24.77 24.93
N GLU A 4 6.18 -23.77 25.57
CA GLU A 4 7.38 -23.18 25.00
C GLU A 4 8.49 -24.19 24.80
N GLU A 5 8.51 -25.24 25.62
CA GLU A 5 9.53 -26.28 25.50
C GLU A 5 9.20 -27.13 24.30
N MET A 6 7.91 -27.41 24.11
CA MET A 6 7.44 -28.20 22.97
C MET A 6 7.75 -27.49 21.63
N LYS A 7 7.86 -26.17 21.67
CA LYS A 7 8.13 -25.38 20.46
C LYS A 7 9.62 -25.36 20.15
N LYS A 8 10.44 -25.22 21.20
CA LYS A 8 11.88 -25.14 21.04
C LYS A 8 12.47 -26.45 20.49
N ILE A 9 12.00 -27.59 21.00
CA ILE A 9 12.50 -28.88 20.54
C ILE A 9 12.11 -29.09 19.08
N ALA A 10 10.88 -28.74 18.71
CA ALA A 10 10.50 -28.76 17.31
C ALA A 10 11.50 -27.95 16.50
N ALA A 11 11.95 -26.85 17.08
CA ALA A 11 12.80 -25.91 16.38
C ALA A 11 14.22 -26.42 16.31
N LYS A 12 14.67 -27.07 17.39
CA LYS A 12 15.99 -27.71 17.38
C LYS A 12 16.03 -28.84 16.34
N GLU A 13 14.99 -29.67 16.28
CA GLU A 13 14.99 -30.78 15.32
C GLU A 13 15.05 -30.27 13.88
N ALA A 14 14.43 -29.12 13.63
CA ALA A 14 14.43 -28.51 12.28
C ALA A 14 15.83 -28.23 11.75
N LEU A 15 16.73 -27.77 12.60
CA LEU A 15 18.12 -27.57 12.20
C LEU A 15 18.74 -28.78 11.49
N LYS A 16 18.30 -29.99 11.80
CA LYS A 16 18.90 -31.17 11.16
C LYS A 16 18.70 -31.13 9.67
N PHE A 17 17.79 -30.28 9.20
CA PHE A 17 17.46 -30.24 7.79
C PHE A 17 18.18 -29.10 7.06
N ILE A 18 18.90 -28.27 7.79
CA ILE A 18 19.57 -27.10 7.22
C ILE A 18 21.06 -27.37 6.98
N GLU A 19 21.49 -27.26 5.74
CA GLU A 19 22.91 -27.50 5.46
C GLU A 19 23.53 -26.28 4.81
N ASP A 20 24.86 -26.22 4.79
CA ASP A 20 25.59 -25.09 4.20
C ASP A 20 25.17 -24.72 2.78
N ASP A 21 25.28 -23.44 2.45
CA ASP A 21 24.97 -22.95 1.11
C ASP A 21 23.48 -22.93 0.74
N MET A 22 22.61 -23.07 1.73
CA MET A 22 21.18 -23.11 1.46
C MET A 22 20.55 -21.72 1.51
N VAL A 23 19.44 -21.57 0.77
CA VAL A 23 18.58 -20.39 0.85
C VAL A 23 17.38 -20.93 1.61
N ILE A 24 17.10 -20.28 2.74
CA ILE A 24 16.09 -20.70 3.67
C ILE A 24 14.94 -19.69 3.82
N GLY A 25 13.72 -20.17 3.62
CA GLY A 25 12.53 -19.33 3.82
C GLY A 25 12.36 -19.23 5.31
N LEU A 26 12.29 -18.03 5.88
CA LEU A 26 12.14 -17.86 7.31
C LEU A 26 10.74 -17.44 7.67
N GLY A 27 10.07 -18.35 8.40
CA GLY A 27 8.68 -18.23 8.77
C GLY A 27 8.36 -17.24 9.86
N THR A 28 7.08 -17.13 10.15
CA THR A 28 6.59 -16.14 11.08
C THR A 28 5.99 -16.76 12.33
N GLY A 29 6.20 -16.13 13.48
CA GLY A 29 5.55 -16.55 14.69
C GLY A 29 6.51 -17.08 15.75
N SER A 30 5.96 -17.39 16.92
CA SER A 30 6.74 -17.78 18.11
C SER A 30 7.55 -19.09 18.00
N THR A 31 7.02 -20.09 17.34
CA THR A 31 7.73 -21.38 17.20
C THR A 31 8.91 -21.17 16.24
N THR A 32 8.60 -20.68 15.04
CA THR A 32 9.65 -20.37 14.12
C THR A 32 10.66 -19.35 14.69
N ALA A 33 10.22 -18.43 15.54
CA ALA A 33 11.20 -17.48 16.11
C ALA A 33 12.35 -18.21 16.82
N TYR A 34 12.05 -19.36 17.41
CA TYR A 34 13.02 -20.12 18.16
C TYR A 34 14.02 -20.63 17.16
N PHE A 35 13.51 -21.23 16.10
CA PHE A 35 14.35 -21.73 15.03
C PHE A 35 15.28 -20.65 14.48
N ILE A 36 14.75 -19.45 14.21
CA ILE A 36 15.60 -18.37 13.72
C ILE A 36 16.74 -18.06 14.69
N LYS A 37 16.44 -17.96 15.98
CA LYS A 37 17.48 -17.70 16.96
C LYS A 37 18.50 -18.85 16.99
N LEU A 38 18.02 -20.08 17.09
CA LEU A 38 18.93 -21.21 17.09
C LEU A 38 19.80 -21.22 15.84
N LEU A 39 19.29 -20.68 14.74
CA LEU A 39 19.99 -20.72 13.45
C LEU A 39 21.11 -19.73 13.43
N GLY A 40 20.84 -18.53 13.93
CA GLY A 40 21.83 -17.49 14.01
C GLY A 40 22.94 -17.88 14.96
N GLU A 41 22.60 -18.58 16.03
CA GLU A 41 23.61 -19.01 16.97
C GLU A 41 24.56 -19.98 16.26
N LYS A 42 24.00 -20.94 15.51
CA LYS A 42 24.82 -21.92 14.83
C LYS A 42 25.70 -21.25 13.77
N LEU A 43 25.18 -20.20 13.17
CA LEU A 43 25.97 -19.44 12.21
C LEU A 43 27.18 -18.83 12.91
N LYS A 44 26.94 -18.12 14.01
CA LYS A 44 28.01 -17.45 14.75
C LYS A 44 29.08 -18.44 15.20
N ARG A 45 28.66 -19.60 15.66
CA ARG A 45 29.58 -20.64 16.09
C ARG A 45 30.48 -21.12 14.95
N GLY A 46 30.01 -20.95 13.72
CA GLY A 46 30.73 -21.42 12.54
C GLY A 46 30.29 -22.81 12.14
N GLU A 47 29.30 -23.36 12.83
CA GLU A 47 28.86 -24.72 12.58
C GLU A 47 27.99 -24.83 11.34
N ILE A 48 27.70 -23.69 10.70
CA ILE A 48 27.04 -23.68 9.41
C ILE A 48 27.54 -22.45 8.71
N SER A 49 27.52 -22.43 7.38
CA SER A 49 28.05 -21.29 6.65
C SER A 49 27.37 -20.99 5.32
N ASP A 50 27.37 -19.74 4.90
CA ASP A 50 26.84 -19.41 3.59
C ASP A 50 25.33 -19.66 3.52
N ILE A 51 24.64 -19.35 4.61
CA ILE A 51 23.19 -19.41 4.63
C ILE A 51 22.60 -18.03 4.31
N VAL A 52 21.53 -17.98 3.50
CA VAL A 52 20.78 -16.75 3.26
C VAL A 52 19.29 -17.02 3.60
N GLY A 53 18.69 -16.12 4.39
CA GLY A 53 17.27 -16.23 4.70
C GLY A 53 16.37 -15.33 3.86
N VAL A 54 15.16 -15.81 3.57
CA VAL A 54 14.15 -15.05 2.79
C VAL A 54 12.98 -14.99 3.76
N PRO A 55 12.86 -13.86 4.43
CA PRO A 55 11.85 -13.68 5.49
C PRO A 55 10.43 -13.62 4.94
N THR A 56 9.49 -14.18 5.68
CA THR A 56 8.10 -14.24 5.27
C THR A 56 7.29 -13.08 5.86
N SER A 57 7.93 -12.19 6.57
CA SER A 57 7.27 -11.10 7.25
C SER A 57 8.28 -10.13 7.79
N TYR A 58 7.81 -8.96 8.20
CA TYR A 58 8.70 -8.02 8.82
C TYR A 58 9.23 -8.60 10.15
N GLN A 59 8.39 -9.35 10.86
CA GLN A 59 8.81 -9.97 12.12
C GLN A 59 10.00 -10.87 11.85
N ALA A 60 9.86 -11.74 10.87
CA ALA A 60 10.99 -12.60 10.50
C ALA A 60 12.24 -11.82 10.10
N LYS A 61 12.06 -10.80 9.26
CA LYS A 61 13.19 -10.02 8.78
C LYS A 61 13.96 -9.37 9.92
N LEU A 62 13.23 -8.72 10.81
CA LEU A 62 13.80 -8.05 11.97
C LEU A 62 14.58 -9.04 12.85
N LEU A 63 13.99 -10.20 13.11
CA LEU A 63 14.64 -11.22 13.95
C LEU A 63 15.91 -11.74 13.27
N ALA A 64 15.80 -11.98 11.97
CA ALA A 64 16.95 -12.40 11.20
C ALA A 64 18.09 -11.38 11.31
N ILE A 65 17.76 -10.09 11.18
CA ILE A 65 18.75 -9.02 11.29
C ILE A 65 19.42 -9.02 12.67
N GLU A 66 18.60 -9.10 13.72
CA GLU A 66 19.08 -9.11 15.11
C GLU A 66 20.06 -10.24 15.37
N HIS A 67 19.86 -11.35 14.68
CA HIS A 67 20.72 -12.50 14.85
C HIS A 67 21.71 -12.61 13.70
N ASP A 68 21.89 -11.50 12.98
CA ASP A 68 22.88 -11.38 11.91
C ASP A 68 22.82 -12.41 10.80
N ILE A 69 21.63 -12.90 10.52
CA ILE A 69 21.46 -13.79 9.41
C ILE A 69 21.32 -12.97 8.12
N PRO A 70 22.21 -13.16 7.18
CA PRO A 70 22.07 -12.46 5.90
C PRO A 70 20.69 -12.77 5.29
N ILE A 71 20.06 -11.79 4.68
CA ILE A 71 18.75 -12.01 4.11
C ILE A 71 18.66 -11.48 2.70
N ALA A 72 17.66 -11.95 1.97
CA ALA A 72 17.38 -11.48 0.63
C ALA A 72 15.88 -11.65 0.35
N SER A 73 15.38 -10.91 -0.63
CA SER A 73 13.99 -11.05 -1.03
C SER A 73 13.92 -12.17 -2.05
N LEU A 74 12.72 -12.66 -2.30
CA LEU A 74 12.54 -13.76 -3.25
C LEU A 74 13.13 -13.49 -4.63
N ASP A 75 12.99 -12.25 -5.09
CA ASP A 75 13.48 -11.92 -6.41
C ASP A 75 15.01 -11.81 -6.48
N GLN A 76 15.67 -11.93 -5.35
CA GLN A 76 17.12 -11.92 -5.36
C GLN A 76 17.70 -13.31 -5.46
N VAL A 77 16.90 -14.36 -5.21
CA VAL A 77 17.46 -15.70 -5.22
C VAL A 77 16.94 -16.59 -6.33
N ASP A 78 17.71 -17.62 -6.61
CA ASP A 78 17.45 -18.53 -7.70
C ASP A 78 16.58 -19.70 -7.27
N ALA A 79 16.50 -19.94 -5.97
CA ALA A 79 15.63 -20.99 -5.47
C ALA A 79 15.60 -20.94 -3.95
N ILE A 80 14.51 -21.45 -3.36
CA ILE A 80 14.36 -21.58 -1.92
C ILE A 80 14.57 -23.09 -1.67
N ASP A 81 15.60 -23.45 -0.91
CA ASP A 81 15.95 -24.85 -0.69
C ASP A 81 15.03 -25.49 0.32
N VAL A 82 14.92 -24.84 1.46
CA VAL A 82 14.06 -25.28 2.53
C VAL A 82 13.35 -24.05 3.12
N ALA A 83 12.09 -24.21 3.52
CA ALA A 83 11.35 -23.13 4.14
C ALA A 83 10.82 -23.68 5.44
N VAL A 84 10.97 -22.91 6.51
CA VAL A 84 10.55 -23.34 7.82
C VAL A 84 9.50 -22.37 8.37
N ASP A 85 8.36 -22.87 8.81
CA ASP A 85 7.35 -21.98 9.32
C ASP A 85 6.44 -22.69 10.30
N GLY A 86 5.60 -21.94 11.01
CA GLY A 86 4.60 -22.53 11.86
C GLY A 86 3.26 -22.75 11.18
N ALA A 87 2.25 -23.02 12.01
CA ALA A 87 0.90 -23.27 11.55
C ALA A 87 -0.05 -23.14 12.73
N ASP A 88 -1.31 -22.81 12.45
CA ASP A 88 -2.33 -22.71 13.48
C ASP A 88 -3.04 -24.08 13.66
N GLU A 89 -3.12 -24.85 12.57
CA GLU A 89 -3.61 -26.21 12.61
C GLU A 89 -2.82 -27.13 11.66
N VAL A 90 -2.75 -28.41 12.02
CA VAL A 90 -2.16 -29.42 11.15
C VAL A 90 -3.09 -30.65 11.13
N ASP A 91 -3.71 -30.94 9.99
CA ASP A 91 -4.58 -32.12 9.89
C ASP A 91 -3.80 -33.40 9.57
N PRO A 92 -4.48 -34.54 9.65
CA PRO A 92 -3.80 -35.84 9.43
C PRO A 92 -3.10 -35.93 8.08
N ASN A 93 -3.70 -35.39 7.04
CA ASN A 93 -3.09 -35.41 5.73
C ASN A 93 -2.08 -34.25 5.59
N LEU A 94 -1.76 -33.61 6.70
CA LEU A 94 -0.79 -32.53 6.74
C LEU A 94 -1.24 -31.30 5.94
N ASN A 95 -2.55 -31.05 5.93
CA ASN A 95 -3.07 -29.81 5.41
C ASN A 95 -2.97 -28.86 6.58
N LEU A 96 -2.69 -27.59 6.32
CA LEU A 96 -2.59 -26.64 7.41
C LEU A 96 -3.55 -25.50 7.29
N ILE A 97 -3.75 -24.86 8.42
CA ILE A 97 -4.29 -23.52 8.44
C ILE A 97 -3.16 -22.65 8.97
N LYS A 98 -2.93 -21.55 8.28
CA LYS A 98 -1.95 -20.57 8.74
C LYS A 98 -2.61 -19.18 8.65
N GLY A 99 -1.94 -18.16 9.19
CA GLY A 99 -2.45 -16.80 9.11
C GLY A 99 -2.79 -16.07 10.38
N ARG A 100 -2.68 -16.72 11.54
CA ARG A 100 -2.94 -16.01 12.80
C ARG A 100 -2.09 -14.75 12.82
N GLY A 101 -0.87 -14.87 12.30
CA GLY A 101 0.11 -13.78 12.31
C GLY A 101 -0.09 -12.73 11.21
N ALA A 102 -0.95 -13.07 10.25
CA ALA A 102 -1.40 -12.19 9.16
C ALA A 102 -0.39 -12.04 8.05
N ALA A 103 0.55 -12.98 8.00
CA ALA A 103 1.63 -12.95 7.03
C ALA A 103 1.43 -14.02 5.94
N LEU A 104 0.21 -14.51 5.80
CA LEU A 104 -0.08 -15.64 4.92
C LEU A 104 0.29 -15.49 3.46
N THR A 105 0.28 -14.27 2.96
CA THR A 105 0.54 -14.07 1.56
C THR A 105 2.00 -14.32 1.24
N MET A 106 2.88 -13.63 1.96
CA MET A 106 4.29 -13.81 1.74
C MET A 106 4.73 -15.23 2.13
N GLU A 107 4.09 -15.80 3.13
CA GLU A 107 4.39 -17.17 3.53
C GLU A 107 4.13 -18.14 2.39
N LYS A 108 3.00 -18.00 1.69
CA LYS A 108 2.66 -18.96 0.66
C LYS A 108 3.52 -18.74 -0.57
N ILE A 109 3.78 -17.47 -0.89
CA ILE A 109 4.64 -17.12 -2.00
C ILE A 109 6.01 -17.84 -1.85
N ILE A 110 6.59 -17.80 -0.66
CA ILE A 110 7.91 -18.37 -0.44
C ILE A 110 7.85 -19.89 -0.25
N GLU A 111 6.91 -20.36 0.57
CA GLU A 111 6.78 -21.80 0.83
C GLU A 111 6.34 -22.58 -0.40
N TYR A 112 5.62 -21.92 -1.30
CA TYR A 112 5.25 -22.56 -2.54
C TYR A 112 6.48 -22.91 -3.39
N ARG A 113 7.53 -22.10 -3.32
CA ARG A 113 8.69 -22.34 -4.17
C ARG A 113 9.78 -23.17 -3.47
N ALA A 114 9.54 -23.58 -2.23
CA ALA A 114 10.59 -24.27 -1.45
C ALA A 114 10.73 -25.74 -1.82
N GLY A 115 11.97 -26.19 -1.99
CA GLY A 115 12.26 -27.58 -2.28
C GLY A 115 11.63 -28.45 -1.20
N THR A 116 11.85 -28.09 0.04
CA THR A 116 11.22 -28.78 1.16
C THR A 116 10.56 -27.79 2.11
N PHE A 117 9.31 -28.02 2.46
CA PHE A 117 8.58 -27.12 3.35
C PHE A 117 8.52 -27.83 4.68
N ILE A 118 9.18 -27.27 5.68
CA ILE A 118 9.15 -27.84 7.02
C ILE A 118 8.22 -27.06 7.96
N VAL A 119 7.25 -27.74 8.56
CA VAL A 119 6.35 -27.07 9.48
C VAL A 119 6.62 -27.44 10.94
N LEU A 120 6.75 -26.43 11.77
CA LEU A 120 7.01 -26.66 13.19
C LEU A 120 5.87 -26.23 14.02
N VAL A 121 5.38 -27.15 14.86
CA VAL A 121 4.37 -26.79 15.83
C VAL A 121 4.42 -27.65 17.09
N ASP A 122 3.72 -27.20 18.13
CA ASP A 122 3.55 -28.01 19.33
C ASP A 122 2.25 -28.83 19.23
N GLU A 123 2.04 -29.68 20.23
CA GLU A 123 0.91 -30.62 20.27
C GLU A 123 -0.45 -30.01 19.99
N ARG A 124 -0.69 -28.83 20.54
CA ARG A 124 -1.99 -28.19 20.42
C ARG A 124 -2.43 -28.01 18.98
N LYS A 125 -1.49 -27.87 18.06
CA LYS A 125 -1.83 -27.57 16.65
C LYS A 125 -2.39 -28.77 15.89
N LEU A 126 -2.13 -29.99 16.35
CA LEU A 126 -2.70 -31.16 15.69
C LEU A 126 -4.22 -31.22 15.85
N VAL A 127 -4.89 -31.47 14.73
CA VAL A 127 -6.36 -31.54 14.68
C VAL A 127 -6.80 -32.78 13.89
N ASP A 128 -8.05 -33.20 14.11
CA ASP A 128 -8.62 -34.36 13.42
C ASP A 128 -9.07 -33.95 12.05
N TYR A 129 -9.43 -32.67 11.93
CA TYR A 129 -9.93 -32.12 10.68
C TYR A 129 -9.69 -30.60 10.70
N LEU A 130 -9.52 -30.00 9.53
CA LEU A 130 -9.26 -28.56 9.46
C LEU A 130 -10.50 -27.81 9.96
N CYS A 131 -10.27 -26.83 10.82
CA CYS A 131 -11.31 -25.98 11.39
C CYS A 131 -11.94 -26.58 12.65
N GLN A 132 -11.35 -27.66 13.12
CA GLN A 132 -11.74 -28.21 14.40
C GLN A 132 -11.49 -27.20 15.52
N LYS A 133 -10.38 -26.46 15.44
CA LYS A 133 -10.00 -25.53 16.51
C LYS A 133 -9.90 -24.04 16.09
N MET A 134 -9.58 -23.74 14.83
CA MET A 134 -9.33 -22.36 14.41
C MET A 134 -10.03 -21.93 13.12
N PRO A 135 -10.19 -20.62 12.95
CA PRO A 135 -10.74 -20.09 11.70
C PRO A 135 -9.69 -20.03 10.61
N VAL A 136 -10.13 -19.80 9.39
CA VAL A 136 -9.22 -19.66 8.27
C VAL A 136 -9.04 -18.18 8.01
N PRO A 137 -7.83 -17.69 8.17
CA PRO A 137 -7.58 -16.31 7.76
C PRO A 137 -7.62 -16.18 6.24
N ILE A 138 -8.28 -15.12 5.81
CA ILE A 138 -8.40 -14.78 4.42
C ILE A 138 -8.05 -13.30 4.26
N GLU A 139 -7.00 -13.02 3.48
CA GLU A 139 -6.58 -11.67 3.23
C GLU A 139 -7.38 -11.15 2.05
N VAL A 140 -8.03 -10.01 2.24
CA VAL A 140 -8.91 -9.44 1.22
C VAL A 140 -8.62 -7.98 0.91
N ILE A 141 -8.88 -7.58 -0.33
CA ILE A 141 -8.85 -6.18 -0.72
C ILE A 141 -9.89 -5.48 0.11
N PRO A 142 -9.51 -4.40 0.79
CA PRO A 142 -10.39 -3.80 1.78
C PRO A 142 -11.83 -3.63 1.35
N GLN A 143 -12.11 -3.10 0.17
CA GLN A 143 -13.51 -2.81 -0.13
C GLN A 143 -14.40 -4.04 -0.37
N ALA A 144 -13.80 -5.22 -0.49
CA ALA A 144 -14.55 -6.45 -0.76
C ALA A 144 -14.85 -7.20 0.50
N TRP A 145 -14.43 -6.65 1.64
CA TRP A 145 -14.57 -7.37 2.88
C TRP A 145 -16.00 -7.84 3.20
N LYS A 146 -16.98 -6.96 3.08
CA LYS A 146 -18.32 -7.29 3.54
C LYS A 146 -18.97 -8.32 2.62
N ALA A 147 -18.74 -8.16 1.33
CA ALA A 147 -19.35 -9.04 0.36
C ALA A 147 -18.79 -10.45 0.51
N ILE A 148 -17.49 -10.51 0.80
CA ILE A 148 -16.85 -11.78 0.91
C ILE A 148 -17.40 -12.47 2.12
N ILE A 149 -17.56 -11.74 3.21
CA ILE A 149 -18.08 -12.36 4.41
C ILE A 149 -19.46 -12.98 4.10
N GLU A 150 -20.34 -12.16 3.53
CA GLU A 150 -21.69 -12.55 3.17
C GLU A 150 -21.67 -13.70 2.17
N GLU A 151 -20.73 -13.69 1.24
CA GLU A 151 -20.64 -14.79 0.31
C GLU A 151 -20.17 -16.09 0.99
N LEU A 152 -19.49 -16.01 2.11
CA LEU A 152 -19.04 -17.23 2.76
C LEU A 152 -20.15 -17.93 3.57
N SER A 153 -21.34 -17.36 3.63
CA SER A 153 -22.44 -17.99 4.36
C SER A 153 -22.90 -19.28 3.64
N ILE A 154 -22.65 -19.39 2.33
CA ILE A 154 -22.94 -20.63 1.61
C ILE A 154 -22.20 -21.81 2.29
N PHE A 155 -20.97 -21.61 2.77
CA PHE A 155 -20.26 -22.69 3.50
C PHE A 155 -20.46 -22.69 5.02
N ASN A 156 -21.46 -21.94 5.49
CA ASN A 156 -21.76 -21.80 6.92
C ASN A 156 -20.56 -21.33 7.71
N ALA A 157 -19.72 -20.52 7.07
CA ALA A 157 -18.57 -19.98 7.78
C ALA A 157 -19.03 -18.78 8.60
N LYS A 158 -18.69 -18.73 9.88
CA LYS A 158 -18.95 -17.51 10.65
C LYS A 158 -17.70 -16.64 10.47
N ALA A 159 -17.79 -15.69 9.55
CA ALA A 159 -16.64 -14.86 9.18
C ALA A 159 -16.73 -13.47 9.76
N GLU A 160 -15.61 -13.01 10.29
CA GLU A 160 -15.51 -11.73 10.96
C GLU A 160 -14.27 -10.93 10.53
N LEU A 161 -14.40 -9.62 10.44
CA LEU A 161 -13.27 -8.80 10.07
C LEU A 161 -12.36 -8.71 11.28
N ARG A 162 -11.09 -9.04 11.13
CA ARG A 162 -10.17 -8.95 12.26
C ARG A 162 -9.84 -7.50 12.60
N MET A 163 -9.89 -7.15 13.88
CA MET A 163 -9.80 -5.76 14.32
C MET A 163 -8.57 -5.54 15.14
N GLY A 164 -7.98 -4.36 14.99
CA GLY A 164 -6.78 -4.01 15.69
C GLY A 164 -6.94 -3.81 17.19
N VAL A 165 -5.83 -4.05 17.90
CA VAL A 165 -5.71 -3.73 19.31
C VAL A 165 -4.78 -2.56 19.48
N ASN A 166 -3.65 -2.61 18.80
CA ASN A 166 -2.68 -1.53 18.86
C ASN A 166 -2.85 -0.48 17.74
N LYS A 167 -3.98 -0.57 17.05
CA LYS A 167 -4.50 0.51 16.21
C LYS A 167 -6.02 0.37 16.29
N ASP A 168 -6.75 1.43 15.96
CA ASP A 168 -8.20 1.37 15.94
C ASP A 168 -8.56 0.84 14.55
N GLY A 169 -9.75 0.29 14.40
CA GLY A 169 -10.17 -0.22 13.11
C GLY A 169 -9.57 -1.58 12.77
N PRO A 170 -9.73 -2.01 11.53
CA PRO A 170 -9.30 -3.36 11.14
C PRO A 170 -7.80 -3.53 11.17
N VAL A 171 -7.37 -4.74 11.46
CA VAL A 171 -5.99 -5.07 11.26
C VAL A 171 -5.63 -4.87 9.79
N ILE A 172 -4.50 -4.21 9.54
CA ILE A 172 -3.97 -4.07 8.19
C ILE A 172 -2.74 -5.01 8.04
N THR A 173 -2.73 -5.79 6.99
CA THR A 173 -1.56 -6.63 6.71
C THR A 173 -0.44 -5.79 6.14
N ASP A 174 0.73 -6.43 6.07
CA ASP A 174 1.91 -5.84 5.53
C ASP A 174 1.70 -5.34 4.09
N ASN A 175 0.77 -5.93 3.37
CA ASN A 175 0.45 -5.43 2.05
C ASN A 175 -0.69 -4.43 1.91
N GLY A 176 -1.19 -3.93 3.04
CA GLY A 176 -2.23 -2.88 3.02
C GLY A 176 -3.64 -3.46 2.99
N ASN A 177 -3.79 -4.76 3.26
CA ASN A 177 -5.09 -5.39 3.16
C ASN A 177 -5.77 -5.72 4.49
N PHE A 178 -7.02 -6.11 4.41
CA PHE A 178 -7.78 -6.49 5.57
C PHE A 178 -7.65 -8.00 5.69
N ILE A 179 -8.01 -8.50 6.85
CA ILE A 179 -7.96 -9.92 7.07
C ILE A 179 -9.22 -10.41 7.77
N ILE A 180 -9.93 -11.29 7.07
CA ILE A 180 -11.16 -11.92 7.53
C ILE A 180 -10.87 -13.27 8.20
N ASP A 181 -11.45 -13.54 9.36
CA ASP A 181 -11.23 -14.85 9.99
C ASP A 181 -12.52 -15.63 9.87
N ALA A 182 -12.45 -16.72 9.13
CA ALA A 182 -13.64 -17.49 8.76
C ALA A 182 -13.69 -18.82 9.44
N LYS A 183 -14.57 -18.92 10.41
CA LYS A 183 -14.68 -20.16 11.14
C LYS A 183 -15.66 -21.10 10.44
N PHE A 184 -15.14 -22.03 9.65
CA PHE A 184 -15.95 -23.05 8.98
C PHE A 184 -16.26 -24.10 10.06
N PRO A 185 -17.41 -24.76 10.02
CA PRO A 185 -17.66 -25.84 10.97
C PRO A 185 -16.74 -27.00 10.65
N ARG A 186 -16.41 -27.12 9.37
CA ARG A 186 -15.54 -28.15 8.86
C ARG A 186 -15.21 -27.82 7.44
N ILE A 187 -14.12 -28.39 6.98
CA ILE A 187 -13.73 -28.28 5.60
C ILE A 187 -13.37 -29.68 5.16
N ASP A 188 -14.18 -30.27 4.31
CA ASP A 188 -13.96 -31.65 3.92
C ASP A 188 -12.96 -31.82 2.77
N ASP A 189 -12.77 -30.79 1.97
CA ASP A 189 -11.82 -30.89 0.89
C ASP A 189 -10.95 -29.62 0.94
N PRO A 190 -9.94 -29.64 1.81
CA PRO A 190 -9.05 -28.49 1.99
C PRO A 190 -8.42 -27.99 0.69
N LEU A 191 -7.93 -28.88 -0.16
CA LEU A 191 -7.28 -28.44 -1.38
C LEU A 191 -8.26 -27.65 -2.23
N ASP A 192 -9.44 -28.21 -2.48
CA ASP A 192 -10.37 -27.52 -3.34
C ASP A 192 -10.99 -26.30 -2.66
N MET A 193 -11.16 -26.33 -1.34
CA MET A 193 -11.63 -25.15 -0.63
C MET A 193 -10.57 -24.02 -0.79
N GLU A 194 -9.30 -24.40 -0.81
CA GLU A 194 -8.20 -23.42 -0.96
C GLU A 194 -8.33 -22.73 -2.29
N ILE A 195 -8.61 -23.52 -3.31
CA ILE A 195 -8.76 -23.02 -4.65
C ILE A 195 -10.04 -22.17 -4.75
N GLU A 196 -11.14 -22.71 -4.23
CA GLU A 196 -12.43 -22.02 -4.23
C GLU A 196 -12.27 -20.60 -3.67
N LEU A 197 -11.67 -20.49 -2.49
CA LEU A 197 -11.52 -19.17 -1.84
C LEU A 197 -10.70 -18.22 -2.68
N ASN A 198 -9.60 -18.72 -3.25
CA ASN A 198 -8.78 -17.90 -4.13
C ASN A 198 -9.45 -17.50 -5.46
N THR A 199 -10.52 -18.16 -5.88
CA THR A 199 -11.18 -17.77 -7.11
C THR A 199 -12.19 -16.64 -6.90
N ILE A 200 -12.44 -16.30 -5.64
CA ILE A 200 -13.30 -15.16 -5.30
C ILE A 200 -12.62 -13.80 -5.53
N PRO A 201 -13.17 -12.97 -6.41
CA PRO A 201 -12.57 -11.65 -6.65
C PRO A 201 -12.55 -10.84 -5.36
N GLY A 202 -11.38 -10.29 -5.06
CA GLY A 202 -11.19 -9.63 -3.77
C GLY A 202 -10.37 -10.48 -2.80
N VAL A 203 -10.37 -11.80 -2.96
CA VAL A 203 -9.60 -12.65 -2.04
C VAL A 203 -8.16 -12.66 -2.53
N ILE A 204 -7.22 -12.23 -1.68
CA ILE A 204 -5.82 -12.15 -2.02
C ILE A 204 -5.15 -13.52 -1.82
N GLU A 205 -5.41 -14.13 -0.67
CA GLU A 205 -4.82 -15.39 -0.28
C GLU A 205 -5.62 -15.85 0.87
N ASN A 206 -5.58 -17.15 1.13
CA ASN A 206 -6.28 -17.74 2.26
C ASN A 206 -5.33 -18.66 3.00
N GLY A 207 -5.62 -18.89 4.29
CA GLY A 207 -4.75 -19.60 5.20
C GLY A 207 -4.78 -21.11 5.13
N ILE A 208 -5.54 -21.65 4.19
CA ILE A 208 -5.47 -23.07 3.95
C ILE A 208 -4.18 -23.34 3.18
N PHE A 209 -3.31 -24.14 3.75
CA PHE A 209 -2.11 -24.54 3.05
C PHE A 209 -2.20 -26.05 2.82
N ALA A 210 -2.77 -26.46 1.69
CA ALA A 210 -2.91 -27.87 1.33
C ALA A 210 -1.93 -28.28 0.21
N ASP A 211 -1.52 -29.54 0.21
CA ASP A 211 -0.63 -30.06 -0.85
C ASP A 211 0.66 -29.23 -0.91
N ILE A 212 1.23 -28.94 0.24
CA ILE A 212 2.39 -28.08 0.24
C ILE A 212 3.37 -28.41 1.32
N ALA A 213 2.93 -28.71 2.53
CA ALA A 213 3.88 -29.09 3.57
C ALA A 213 4.52 -30.45 3.21
N ASP A 214 5.83 -30.56 3.41
CA ASP A 214 6.54 -31.81 3.12
C ASP A 214 6.79 -32.60 4.40
N ILE A 215 7.12 -31.92 5.48
CA ILE A 215 7.36 -32.55 6.76
C ILE A 215 6.78 -31.74 7.87
N VAL A 216 6.12 -32.37 8.83
CA VAL A 216 5.68 -31.63 10.00
C VAL A 216 6.41 -32.12 11.23
N ILE A 217 7.09 -31.22 11.90
CA ILE A 217 7.82 -31.55 13.10
C ILE A 217 7.02 -31.08 14.27
N VAL A 218 6.60 -32.04 15.07
CA VAL A 218 5.78 -31.72 16.20
C VAL A 218 6.51 -31.88 17.50
N GLY A 219 6.25 -30.93 18.39
CA GLY A 219 6.83 -30.92 19.71
C GLY A 219 5.81 -31.46 20.69
N THR A 220 6.08 -32.66 21.19
CA THR A 220 5.20 -33.35 22.13
C THR A 220 5.64 -33.20 23.58
N ARG A 221 4.72 -33.45 24.49
CA ARG A 221 5.06 -33.48 25.92
C ARG A 221 6.15 -34.52 26.22
N GLU A 222 6.41 -35.42 25.27
CA GLU A 222 7.42 -36.46 25.47
C GLU A 222 8.44 -36.60 24.32
N GLY A 223 9.12 -35.50 23.98
CA GLY A 223 10.19 -35.54 23.00
C GLY A 223 9.86 -34.88 21.69
N VAL A 224 9.90 -35.63 20.60
CA VAL A 224 9.56 -35.09 19.30
C VAL A 224 8.86 -36.13 18.44
N LYS A 225 7.96 -35.66 17.59
CA LYS A 225 7.24 -36.50 16.66
C LYS A 225 7.35 -35.84 15.30
N LYS A 226 7.15 -36.64 14.25
CA LYS A 226 7.25 -36.12 12.90
C LYS A 226 6.16 -36.73 12.02
N LEU A 227 5.63 -35.94 11.10
CA LEU A 227 4.63 -36.41 10.17
C LEU A 227 5.15 -36.17 8.77
N GLU A 228 4.91 -37.14 7.90
CA GLU A 228 5.48 -37.13 6.56
C GLU A 228 4.41 -37.49 5.56
N ARG A 229 4.61 -37.08 4.31
CA ARG A 229 3.69 -37.39 3.24
C ARG A 229 4.22 -36.75 1.96
N MET B 1 -17.62 5.44 -39.87
CA MET B 1 -17.56 5.92 -38.46
C MET B 1 -16.12 5.80 -37.95
N ASN B 2 -15.61 6.89 -37.38
CA ASN B 2 -14.29 6.87 -36.76
C ASN B 2 -14.34 6.18 -35.41
N VAL B 3 -13.17 5.86 -34.90
CA VAL B 3 -13.04 5.09 -33.67
C VAL B 3 -13.95 5.44 -32.51
N GLU B 4 -13.80 6.67 -32.04
CA GLU B 4 -14.52 7.12 -30.86
C GLU B 4 -16.01 6.86 -31.02
N GLU B 5 -16.60 7.37 -32.10
CA GLU B 5 -18.03 7.19 -32.31
C GLU B 5 -18.49 5.74 -32.19
N MET B 6 -17.66 4.80 -32.63
CA MET B 6 -17.97 3.43 -32.30
C MET B 6 -18.12 3.39 -30.79
N LYS B 7 -17.13 3.94 -30.09
CA LYS B 7 -17.18 3.96 -28.62
C LYS B 7 -18.42 4.71 -28.12
N LYS B 8 -18.66 5.90 -28.67
CA LYS B 8 -19.75 6.75 -28.23
C LYS B 8 -21.10 6.07 -28.42
N ILE B 9 -21.27 5.40 -29.55
CA ILE B 9 -22.50 4.69 -29.82
C ILE B 9 -22.76 3.63 -28.78
N ALA B 10 -21.76 2.77 -28.58
CA ALA B 10 -21.87 1.70 -27.60
C ALA B 10 -22.25 2.27 -26.25
N ALA B 11 -21.65 3.39 -25.88
CA ALA B 11 -21.93 3.97 -24.57
C ALA B 11 -23.34 4.53 -24.58
N LYS B 12 -23.71 5.16 -25.69
CA LYS B 12 -25.06 5.71 -25.81
C LYS B 12 -26.05 4.61 -25.58
N GLU B 13 -25.85 3.50 -26.27
CA GLU B 13 -26.74 2.36 -26.12
C GLU B 13 -26.80 1.83 -24.69
N ALA B 14 -25.64 1.79 -24.03
CA ALA B 14 -25.55 1.26 -22.67
C ALA B 14 -26.46 1.99 -21.71
N LEU B 15 -26.59 3.28 -21.89
CA LEU B 15 -27.43 4.04 -20.99
C LEU B 15 -28.85 3.54 -20.95
N LYS B 16 -29.30 2.79 -21.97
CA LYS B 16 -30.68 2.34 -22.00
C LYS B 16 -30.96 1.26 -20.98
N PHE B 17 -29.90 0.66 -20.44
CA PHE B 17 -30.06 -0.36 -19.41
C PHE B 17 -30.08 0.25 -18.01
N ILE B 18 -29.90 1.55 -17.92
CA ILE B 18 -29.78 2.19 -16.62
C ILE B 18 -31.12 2.78 -16.20
N GLU B 19 -31.54 2.47 -14.99
CA GLU B 19 -32.80 2.94 -14.48
C GLU B 19 -32.57 3.67 -13.19
N ASP B 20 -33.62 4.37 -12.77
CA ASP B 20 -33.65 5.08 -11.51
C ASP B 20 -33.37 4.13 -10.36
N ASP B 21 -32.72 4.66 -9.33
CA ASP B 21 -32.41 3.93 -8.09
C ASP B 21 -31.41 2.78 -8.23
N MET B 22 -30.65 2.74 -9.32
CA MET B 22 -29.66 1.68 -9.49
C MET B 22 -28.27 2.00 -8.90
N VAL B 23 -27.57 0.96 -8.48
CA VAL B 23 -26.16 1.07 -8.12
C VAL B 23 -25.40 0.53 -9.34
N ILE B 24 -24.52 1.35 -9.90
CA ILE B 24 -23.80 1.04 -11.13
C ILE B 24 -22.26 0.99 -11.01
N GLY B 25 -21.70 -0.16 -11.35
CA GLY B 25 -20.25 -0.29 -11.43
C GLY B 25 -19.76 0.56 -12.58
N LEU B 26 -18.83 1.46 -12.30
CA LEU B 26 -18.24 2.33 -13.28
C LEU B 26 -16.84 1.86 -13.62
N GLY B 27 -16.76 1.32 -14.83
CA GLY B 27 -15.56 0.75 -15.41
C GLY B 27 -14.50 1.76 -15.77
N THR B 28 -13.37 1.25 -16.23
CA THR B 28 -12.20 2.02 -16.60
C THR B 28 -11.89 2.10 -18.10
N GLY B 29 -11.34 3.21 -18.55
CA GLY B 29 -10.97 3.28 -19.94
C GLY B 29 -11.76 4.30 -20.73
N SER B 30 -11.29 4.49 -21.97
CA SER B 30 -11.80 5.53 -22.86
C SER B 30 -13.25 5.29 -23.29
N THR B 31 -13.58 4.05 -23.58
CA THR B 31 -14.92 3.72 -24.02
C THR B 31 -15.92 3.97 -22.88
N THR B 32 -15.59 3.50 -21.68
CA THR B 32 -16.51 3.67 -20.57
C THR B 32 -16.59 5.11 -20.09
N ALA B 33 -15.55 5.88 -20.35
CA ALA B 33 -15.52 7.28 -19.99
C ALA B 33 -16.65 8.08 -20.66
N TYR B 34 -16.93 7.73 -21.93
CA TYR B 34 -18.06 8.31 -22.65
C TYR B 34 -19.33 7.93 -21.91
N PHE B 35 -19.42 6.70 -21.39
CA PHE B 35 -20.60 6.29 -20.66
C PHE B 35 -20.77 7.10 -19.37
N ILE B 36 -19.68 7.27 -18.63
CA ILE B 36 -19.75 8.03 -17.38
C ILE B 36 -20.14 9.50 -17.67
N LYS B 37 -19.58 10.08 -18.73
CA LYS B 37 -19.99 11.43 -19.10
C LYS B 37 -21.48 11.50 -19.49
N LEU B 38 -21.98 10.51 -20.22
CA LEU B 38 -23.35 10.57 -20.72
C LEU B 38 -24.28 10.39 -19.54
N LEU B 39 -23.92 9.45 -18.67
CA LEU B 39 -24.67 9.22 -17.46
C LEU B 39 -24.73 10.47 -16.61
N GLY B 40 -23.60 11.19 -16.52
CA GLY B 40 -23.57 12.42 -15.76
C GLY B 40 -24.51 13.45 -16.37
N GLU B 41 -24.51 13.52 -17.70
CA GLU B 41 -25.41 14.43 -18.43
C GLU B 41 -26.89 14.07 -18.21
N LYS B 42 -27.23 12.80 -18.36
CA LYS B 42 -28.59 12.32 -18.09
C LYS B 42 -29.05 12.62 -16.67
N LEU B 43 -28.17 12.53 -15.68
CA LEU B 43 -28.52 12.80 -14.29
C LEU B 43 -28.65 14.31 -14.02
N LYS B 44 -27.79 15.10 -14.67
CA LYS B 44 -27.86 16.54 -14.55
C LYS B 44 -29.21 17.05 -15.09
N ARG B 45 -29.66 16.47 -16.20
CA ARG B 45 -30.92 16.89 -16.84
C ARG B 45 -32.16 16.26 -16.24
N GLY B 46 -31.99 15.46 -15.18
CA GLY B 46 -33.12 14.90 -14.48
C GLY B 46 -33.72 13.68 -15.13
N GLU B 47 -33.20 13.29 -16.30
CA GLU B 47 -33.70 12.13 -17.04
C GLU B 47 -33.54 10.83 -16.24
N ILE B 48 -32.56 10.78 -15.35
CA ILE B 48 -32.40 9.63 -14.45
C ILE B 48 -32.12 10.18 -13.07
N SER B 49 -32.54 9.48 -12.04
CA SER B 49 -32.30 9.98 -10.70
C SER B 49 -31.95 8.90 -9.70
N ASP B 50 -31.36 9.35 -8.60
CA ASP B 50 -31.03 8.50 -7.48
C ASP B 50 -30.10 7.33 -7.86
N ILE B 51 -29.11 7.61 -8.69
CA ILE B 51 -28.13 6.57 -9.03
C ILE B 51 -26.86 6.73 -8.16
N VAL B 52 -26.18 5.62 -7.89
CA VAL B 52 -24.92 5.63 -7.14
C VAL B 52 -23.90 4.85 -7.96
N GLY B 53 -22.73 5.43 -8.22
CA GLY B 53 -21.69 4.75 -8.97
C GLY B 53 -20.69 4.09 -8.04
N VAL B 54 -20.14 2.95 -8.46
CA VAL B 54 -19.09 2.29 -7.67
C VAL B 54 -17.93 2.18 -8.62
N PRO B 55 -16.94 3.03 -8.43
CA PRO B 55 -15.85 3.10 -9.39
C PRO B 55 -14.85 1.95 -9.29
N THR B 56 -14.34 1.55 -10.44
CA THR B 56 -13.38 0.44 -10.53
C THR B 56 -11.95 0.94 -10.56
N SER B 57 -11.74 2.24 -10.49
CA SER B 57 -10.41 2.80 -10.54
C SER B 57 -10.46 4.25 -10.10
N TYR B 58 -9.28 4.82 -9.85
CA TYR B 58 -9.16 6.24 -9.60
C TYR B 58 -9.63 7.06 -10.83
N GLN B 59 -9.26 6.62 -12.02
CA GLN B 59 -9.72 7.26 -13.25
C GLN B 59 -11.24 7.35 -13.25
N ALA B 60 -11.92 6.22 -13.01
CA ALA B 60 -13.38 6.26 -12.99
C ALA B 60 -13.95 7.14 -11.86
N LYS B 61 -13.36 7.06 -10.67
CA LYS B 61 -13.84 7.83 -9.54
C LYS B 61 -13.72 9.33 -9.80
N LEU B 62 -12.56 9.74 -10.30
CA LEU B 62 -12.34 11.16 -10.51
C LEU B 62 -13.23 11.72 -11.66
N LEU B 63 -13.49 10.91 -12.69
CA LEU B 63 -14.38 11.31 -13.79
C LEU B 63 -15.82 11.38 -13.28
N ALA B 64 -16.24 10.38 -12.51
CA ALA B 64 -17.54 10.47 -11.86
C ALA B 64 -17.72 11.72 -11.00
N ILE B 65 -16.70 12.08 -10.22
CA ILE B 65 -16.85 13.24 -9.33
C ILE B 65 -16.98 14.52 -10.14
N GLU B 66 -16.16 14.63 -11.17
CA GLU B 66 -16.21 15.79 -12.05
C GLU B 66 -17.58 15.98 -12.66
N HIS B 67 -18.32 14.88 -12.78
CA HIS B 67 -19.64 14.92 -13.41
C HIS B 67 -20.76 14.79 -12.40
N ASP B 68 -20.44 15.07 -11.14
CA ASP B 68 -21.41 15.05 -10.06
C ASP B 68 -22.23 13.79 -9.93
N ILE B 69 -21.63 12.65 -10.21
CA ILE B 69 -22.33 11.40 -10.02
C ILE B 69 -21.98 10.96 -8.61
N PRO B 70 -22.94 10.72 -7.71
CA PRO B 70 -22.56 10.28 -6.36
C PRO B 70 -21.92 8.88 -6.45
N ILE B 71 -20.92 8.64 -5.63
CA ILE B 71 -20.23 7.37 -5.67
C ILE B 71 -20.07 6.74 -4.29
N ALA B 72 -19.68 5.47 -4.29
CA ALA B 72 -19.48 4.70 -3.08
C ALA B 72 -18.54 3.55 -3.42
N SER B 73 -17.85 3.06 -2.40
CA SER B 73 -17.04 1.87 -2.52
C SER B 73 -17.98 0.62 -2.35
N LEU B 74 -17.51 -0.54 -2.77
CA LEU B 74 -18.37 -1.72 -2.76
C LEU B 74 -19.00 -2.01 -1.41
N ASP B 75 -18.25 -1.78 -0.34
CA ASP B 75 -18.76 -2.16 0.98
C ASP B 75 -19.77 -1.17 1.53
N GLN B 76 -20.01 -0.10 0.80
CA GLN B 76 -21.00 0.90 1.17
C GLN B 76 -22.37 0.57 0.63
N VAL B 77 -22.42 -0.31 -0.37
CA VAL B 77 -23.69 -0.62 -1.02
C VAL B 77 -24.16 -2.06 -0.85
N ASP B 78 -25.47 -2.27 -0.98
CA ASP B 78 -26.07 -3.59 -0.80
C ASP B 78 -25.90 -4.48 -2.02
N ALA B 79 -25.81 -3.88 -3.19
CA ALA B 79 -25.71 -4.62 -4.41
C ALA B 79 -25.26 -3.73 -5.57
N ILE B 80 -24.69 -4.37 -6.60
CA ILE B 80 -24.40 -3.77 -7.87
C ILE B 80 -25.44 -4.25 -8.88
N ASP B 81 -26.31 -3.35 -9.34
CA ASP B 81 -27.35 -3.73 -10.30
C ASP B 81 -26.78 -4.01 -11.68
N VAL B 82 -26.00 -3.09 -12.17
CA VAL B 82 -25.37 -3.14 -13.47
C VAL B 82 -23.93 -2.58 -13.36
N ALA B 83 -23.01 -3.19 -14.08
CA ALA B 83 -21.62 -2.73 -14.12
C ALA B 83 -21.34 -2.55 -15.56
N VAL B 84 -20.67 -1.47 -15.88
CA VAL B 84 -20.36 -1.15 -17.25
C VAL B 84 -18.87 -0.93 -17.39
N ASP B 85 -18.27 -1.55 -18.40
CA ASP B 85 -16.81 -1.47 -18.50
C ASP B 85 -16.42 -1.88 -19.90
N GLY B 86 -15.16 -1.61 -20.26
CA GLY B 86 -14.62 -1.91 -21.56
C GLY B 86 -13.84 -3.21 -21.56
N ALA B 87 -13.11 -3.45 -22.62
CA ALA B 87 -12.35 -4.69 -22.71
C ALA B 87 -11.25 -4.54 -23.73
N ASP B 88 -10.20 -5.36 -23.63
CA ASP B 88 -9.12 -5.35 -24.63
C ASP B 88 -9.47 -6.38 -25.73
N GLU B 89 -10.11 -7.47 -25.33
CA GLU B 89 -10.58 -8.46 -26.30
C GLU B 89 -11.87 -9.09 -25.89
N VAL B 90 -12.64 -9.52 -26.90
CA VAL B 90 -13.86 -10.30 -26.69
C VAL B 90 -13.86 -11.55 -27.60
N ASP B 91 -14.01 -12.74 -27.03
CA ASP B 91 -14.10 -13.95 -27.87
C ASP B 91 -15.58 -14.27 -28.15
N PRO B 92 -15.86 -15.29 -28.97
CA PRO B 92 -17.23 -15.58 -29.40
C PRO B 92 -18.11 -16.01 -28.29
N ASN B 93 -17.52 -16.62 -27.27
CA ASN B 93 -18.33 -17.03 -26.14
C ASN B 93 -18.44 -15.90 -25.11
N LEU B 94 -18.16 -14.69 -25.54
CA LEU B 94 -18.17 -13.50 -24.66
C LEU B 94 -17.23 -13.56 -23.42
N ASN B 95 -16.08 -14.21 -23.58
CA ASN B 95 -15.05 -14.17 -22.56
C ASN B 95 -14.14 -13.01 -22.97
N LEU B 96 -13.58 -12.26 -22.02
CA LEU B 96 -12.72 -11.12 -22.36
C LEU B 96 -11.29 -11.20 -21.83
N ILE B 97 -10.43 -10.38 -22.41
CA ILE B 97 -9.19 -9.98 -21.74
C ILE B 97 -9.34 -8.50 -21.40
N LYS B 98 -9.00 -8.14 -20.17
CA LYS B 98 -9.03 -6.76 -19.72
C LYS B 98 -7.75 -6.51 -18.96
N GLY B 99 -7.48 -5.25 -18.60
CA GLY B 99 -6.36 -4.97 -17.71
C GLY B 99 -5.29 -4.09 -18.29
N ARG B 100 -5.51 -3.65 -19.51
CA ARG B 100 -4.56 -2.73 -20.10
C ARG B 100 -4.42 -1.49 -19.22
N GLY B 101 -5.53 -1.05 -18.64
CA GLY B 101 -5.52 0.12 -17.77
C GLY B 101 -4.98 -0.14 -16.36
N ALA B 102 -4.67 -1.40 -16.08
CA ALA B 102 -4.06 -1.83 -14.81
C ALA B 102 -5.03 -1.87 -13.65
N ALA B 103 -6.32 -1.85 -13.93
CA ALA B 103 -7.35 -1.80 -12.90
C ALA B 103 -8.15 -3.10 -12.76
N LEU B 104 -7.61 -4.17 -13.33
CA LEU B 104 -8.29 -5.46 -13.30
C LEU B 104 -8.77 -5.94 -11.95
N THR B 105 -8.05 -5.64 -10.87
CA THR B 105 -8.51 -6.15 -9.58
C THR B 105 -9.87 -5.59 -9.16
N MET B 106 -9.98 -4.28 -9.07
CA MET B 106 -11.26 -3.73 -8.60
C MET B 106 -12.38 -3.97 -9.63
N GLU B 107 -11.99 -4.03 -10.90
CA GLU B 107 -12.88 -4.28 -12.01
C GLU B 107 -13.55 -5.61 -11.79
N LYS B 108 -12.75 -6.65 -11.50
CA LYS B 108 -13.36 -7.95 -11.30
C LYS B 108 -14.13 -8.00 -10.00
N ILE B 109 -13.67 -7.27 -8.98
CA ILE B 109 -14.36 -7.31 -7.71
C ILE B 109 -15.80 -6.79 -7.83
N ILE B 110 -15.97 -5.72 -8.54
CA ILE B 110 -17.27 -5.10 -8.77
C ILE B 110 -18.12 -5.82 -9.80
N GLU B 111 -17.56 -6.08 -10.97
CA GLU B 111 -18.29 -6.74 -12.05
C GLU B 111 -18.79 -8.17 -11.74
N TYR B 112 -18.02 -8.90 -10.94
CA TYR B 112 -18.42 -10.21 -10.46
C TYR B 112 -19.73 -10.17 -9.68
N ARG B 113 -19.94 -9.08 -8.95
CA ARG B 113 -21.12 -8.91 -8.15
C ARG B 113 -22.29 -8.21 -8.84
N ALA B 114 -22.12 -7.83 -10.10
CA ALA B 114 -23.15 -7.12 -10.84
C ALA B 114 -24.33 -7.99 -11.27
N GLY B 115 -25.53 -7.48 -11.11
CA GLY B 115 -26.71 -8.14 -11.64
C GLY B 115 -26.52 -8.39 -13.12
N THR B 116 -26.11 -7.37 -13.83
CA THR B 116 -25.82 -7.48 -15.25
C THR B 116 -24.50 -6.76 -15.47
N PHE B 117 -23.54 -7.45 -16.09
CA PHE B 117 -22.25 -6.87 -16.47
C PHE B 117 -22.34 -6.59 -17.95
N ILE B 118 -22.26 -5.31 -18.31
CA ILE B 118 -22.29 -4.89 -19.70
C ILE B 118 -20.96 -4.41 -20.17
N VAL B 119 -20.52 -4.95 -21.30
CA VAL B 119 -19.21 -4.62 -21.83
C VAL B 119 -19.35 -3.75 -23.06
N LEU B 120 -18.52 -2.73 -23.12
CA LEU B 120 -18.53 -1.77 -24.22
C LEU B 120 -17.26 -1.83 -25.02
N VAL B 121 -17.41 -2.11 -26.31
CA VAL B 121 -16.29 -2.09 -27.22
C VAL B 121 -16.66 -1.65 -28.63
N ASP B 122 -15.65 -1.19 -29.37
CA ASP B 122 -15.73 -1.07 -30.83
C ASP B 122 -15.31 -2.39 -31.54
N GLU B 123 -15.56 -2.45 -32.85
CA GLU B 123 -15.32 -3.63 -33.69
C GLU B 123 -13.99 -4.34 -33.47
N ARG B 124 -12.92 -3.58 -33.31
CA ARG B 124 -11.57 -4.16 -33.15
C ARG B 124 -11.39 -5.18 -32.02
N LYS B 125 -12.05 -4.95 -30.90
CA LYS B 125 -11.90 -5.76 -29.68
C LYS B 125 -12.42 -7.20 -29.81
N LEU B 126 -13.24 -7.44 -30.83
CA LEU B 126 -13.70 -8.80 -31.10
C LEU B 126 -12.55 -9.63 -31.66
N VAL B 127 -12.49 -10.88 -31.25
CA VAL B 127 -11.44 -11.78 -31.68
C VAL B 127 -11.93 -13.19 -31.87
N ASP B 128 -11.14 -14.00 -32.57
CA ASP B 128 -11.50 -15.38 -32.86
C ASP B 128 -11.17 -16.23 -31.66
N TYR B 129 -10.16 -15.78 -30.92
CA TYR B 129 -9.80 -16.48 -29.70
C TYR B 129 -9.04 -15.53 -28.82
N LEU B 130 -9.14 -15.74 -27.52
CA LEU B 130 -8.42 -14.92 -26.56
C LEU B 130 -6.91 -14.95 -26.77
N CYS B 131 -6.31 -13.77 -26.74
CA CYS B 131 -4.87 -13.58 -26.96
C CYS B 131 -4.47 -13.56 -28.42
N GLN B 132 -5.46 -13.50 -29.30
CA GLN B 132 -5.18 -13.35 -30.72
C GLN B 132 -4.39 -12.07 -30.92
N LYS B 133 -4.64 -11.05 -30.10
CA LYS B 133 -3.89 -9.82 -30.26
C LYS B 133 -3.48 -9.10 -28.98
N MET B 134 -3.83 -9.61 -27.81
CA MET B 134 -3.43 -8.94 -26.57
C MET B 134 -2.92 -9.90 -25.51
N PRO B 135 -2.01 -9.43 -24.67
CA PRO B 135 -1.51 -10.25 -23.58
C PRO B 135 -2.50 -10.28 -22.44
N VAL B 136 -2.36 -11.25 -21.57
CA VAL B 136 -3.15 -11.23 -20.38
C VAL B 136 -2.33 -10.45 -19.31
N PRO B 137 -2.81 -9.28 -18.93
CA PRO B 137 -2.26 -8.58 -17.75
C PRO B 137 -2.50 -9.41 -16.48
N ILE B 138 -1.47 -9.54 -15.66
CA ILE B 138 -1.51 -10.27 -14.40
C ILE B 138 -0.94 -9.35 -13.32
N GLU B 139 -1.75 -9.06 -12.30
CA GLU B 139 -1.31 -8.22 -11.20
C GLU B 139 -0.66 -9.12 -10.15
N VAL B 140 0.56 -8.77 -9.76
CA VAL B 140 1.34 -9.63 -8.83
C VAL B 140 1.92 -8.91 -7.64
N ILE B 141 2.11 -9.64 -6.53
CA ILE B 141 2.77 -9.12 -5.35
C ILE B 141 4.18 -8.89 -5.82
N PRO B 142 4.73 -7.70 -5.63
CA PRO B 142 6.03 -7.37 -6.21
C PRO B 142 7.17 -8.37 -6.03
N GLN B 143 7.40 -8.90 -4.83
CA GLN B 143 8.57 -9.77 -4.68
C GLN B 143 8.44 -11.13 -5.39
N ALA B 144 7.23 -11.46 -5.87
CA ALA B 144 7.00 -12.69 -6.61
C ALA B 144 7.14 -12.54 -8.10
N TRP B 145 7.49 -11.34 -8.56
CA TRP B 145 7.39 -11.06 -9.99
C TRP B 145 8.26 -11.95 -10.88
N LYS B 146 9.52 -12.11 -10.52
CA LYS B 146 10.45 -12.87 -11.33
C LYS B 146 10.08 -14.35 -11.36
N ALA B 147 9.69 -14.90 -10.21
CA ALA B 147 9.32 -16.29 -10.12
C ALA B 147 8.12 -16.53 -10.96
N ILE B 148 7.18 -15.58 -10.96
CA ILE B 148 5.95 -15.77 -11.75
C ILE B 148 6.27 -15.77 -13.23
N ILE B 149 7.17 -14.88 -13.66
CA ILE B 149 7.50 -14.84 -15.09
C ILE B 149 8.17 -16.18 -15.47
N GLU B 150 9.06 -16.66 -14.63
CA GLU B 150 9.72 -17.93 -14.90
C GLU B 150 8.68 -19.06 -14.99
N GLU B 151 7.72 -19.07 -14.07
CA GLU B 151 6.75 -20.15 -14.01
C GLU B 151 5.85 -20.11 -15.21
N LEU B 152 5.50 -18.91 -15.66
CA LEU B 152 4.61 -18.74 -16.80
C LEU B 152 5.28 -19.12 -18.11
N SER B 153 6.58 -18.87 -18.19
CA SER B 153 7.33 -19.13 -19.40
C SER B 153 7.46 -20.63 -19.63
N ILE B 154 7.30 -21.39 -18.56
CA ILE B 154 7.17 -22.83 -18.67
C ILE B 154 5.83 -23.25 -19.32
N PHE B 155 5.07 -22.30 -19.88
CA PHE B 155 3.79 -22.65 -20.50
C PHE B 155 3.60 -21.88 -21.79
N ASN B 156 4.73 -21.46 -22.33
CA ASN B 156 4.80 -20.86 -23.64
C ASN B 156 4.32 -19.42 -23.64
N ALA B 157 4.04 -18.87 -22.47
CA ALA B 157 3.68 -17.48 -22.40
C ALA B 157 4.98 -16.67 -22.45
N LYS B 158 4.99 -15.65 -23.27
CA LYS B 158 6.10 -14.72 -23.27
C LYS B 158 5.61 -13.66 -22.28
N ALA B 159 6.34 -13.46 -21.20
CA ALA B 159 5.88 -12.56 -20.16
C ALA B 159 6.89 -11.50 -19.71
N GLU B 160 6.41 -10.26 -19.65
CA GLU B 160 7.26 -9.14 -19.29
C GLU B 160 6.65 -8.25 -18.21
N LEU B 161 7.54 -7.75 -17.35
CA LEU B 161 7.16 -6.82 -16.31
C LEU B 161 6.82 -5.53 -17.05
N ARG B 162 5.63 -5.01 -16.79
CA ARG B 162 5.22 -3.79 -17.44
C ARG B 162 5.98 -2.63 -16.77
N MET B 163 6.52 -1.72 -17.55
CA MET B 163 7.39 -0.67 -17.02
C MET B 163 6.75 0.69 -17.14
N GLY B 164 7.05 1.58 -16.18
CA GLY B 164 6.50 2.90 -16.21
C GLY B 164 7.12 3.78 -17.29
N VAL B 165 6.34 4.74 -17.76
CA VAL B 165 6.81 5.77 -18.67
C VAL B 165 6.93 7.09 -17.89
N ASN B 166 5.88 7.40 -17.11
CA ASN B 166 5.85 8.60 -16.27
C ASN B 166 6.33 8.35 -14.83
N LYS B 167 6.95 7.20 -14.64
CA LYS B 167 7.80 6.93 -13.48
C LYS B 167 8.89 6.00 -13.98
N ASP B 168 10.00 5.96 -13.26
CA ASP B 168 11.02 4.97 -13.52
C ASP B 168 10.57 3.68 -12.83
N GLY B 169 11.20 2.57 -13.20
CA GLY B 169 10.84 1.29 -12.64
C GLY B 169 9.53 0.76 -13.14
N PRO B 170 9.01 -0.26 -12.47
CA PRO B 170 7.77 -0.91 -12.90
C PRO B 170 6.52 -0.02 -12.76
N VAL B 171 5.53 -0.21 -13.62
CA VAL B 171 4.21 0.34 -13.37
C VAL B 171 3.72 -0.18 -11.99
N ILE B 172 3.14 0.70 -11.20
CA ILE B 172 2.56 0.30 -9.92
C ILE B 172 1.05 0.42 -10.04
N THR B 173 0.33 -0.61 -9.63
CA THR B 173 -1.12 -0.52 -9.68
C THR B 173 -1.68 0.33 -8.54
N ASP B 174 -2.97 0.55 -8.56
CA ASP B 174 -3.60 1.34 -7.52
C ASP B 174 -3.45 0.63 -6.16
N ASN B 175 -3.23 -0.67 -6.15
CA ASN B 175 -3.04 -1.37 -4.90
C ASN B 175 -1.61 -1.66 -4.46
N GLY B 176 -0.68 -0.98 -5.14
CA GLY B 176 0.76 -1.02 -4.88
C GLY B 176 1.49 -2.22 -5.44
N ASN B 177 0.85 -2.89 -6.40
CA ASN B 177 1.42 -4.06 -7.00
C ASN B 177 2.08 -3.84 -8.39
N PHE B 178 2.69 -4.89 -8.91
CA PHE B 178 3.24 -4.87 -10.27
C PHE B 178 2.27 -5.54 -11.24
N ILE B 179 2.49 -5.29 -12.52
CA ILE B 179 1.72 -5.93 -13.57
C ILE B 179 2.69 -6.67 -14.45
N ILE B 180 2.38 -7.94 -14.75
CA ILE B 180 3.11 -8.72 -15.78
C ILE B 180 2.18 -8.91 -16.99
N ASP B 181 2.60 -8.53 -18.18
CA ASP B 181 1.83 -8.85 -19.39
C ASP B 181 2.26 -10.23 -20.02
N ALA B 182 1.34 -11.19 -20.04
CA ALA B 182 1.63 -12.50 -20.63
C ALA B 182 0.84 -12.84 -21.90
N LYS B 183 1.62 -12.97 -22.97
CA LYS B 183 1.12 -13.34 -24.29
C LYS B 183 1.29 -14.85 -24.47
N PHE B 184 0.18 -15.58 -24.44
CA PHE B 184 0.15 -16.98 -24.83
C PHE B 184 -0.18 -16.92 -26.33
N PRO B 185 0.07 -18.01 -27.07
CA PRO B 185 -0.28 -17.99 -28.49
C PRO B 185 -1.81 -17.94 -28.58
N ARG B 186 -2.46 -18.60 -27.63
CA ARG B 186 -3.92 -18.65 -27.58
C ARG B 186 -4.42 -19.29 -26.31
N ILE B 187 -5.65 -18.94 -25.94
CA ILE B 187 -6.28 -19.49 -24.73
C ILE B 187 -7.58 -20.21 -25.07
N ASP B 188 -7.47 -21.47 -25.46
CA ASP B 188 -8.62 -22.27 -25.84
C ASP B 188 -9.58 -22.41 -24.69
N ASP B 189 -9.04 -22.48 -23.48
CA ASP B 189 -9.86 -22.60 -22.30
C ASP B 189 -9.67 -21.42 -21.34
N PRO B 190 -10.32 -20.30 -21.65
CA PRO B 190 -10.27 -19.09 -20.81
C PRO B 190 -10.59 -19.27 -19.32
N LEU B 191 -11.68 -19.93 -18.98
CA LEU B 191 -12.04 -20.03 -17.57
C LEU B 191 -11.05 -20.85 -16.77
N ASP B 192 -10.62 -21.97 -17.35
CA ASP B 192 -9.64 -22.86 -16.70
C ASP B 192 -8.34 -22.10 -16.42
N MET B 193 -7.85 -21.36 -17.40
CA MET B 193 -6.60 -20.59 -17.25
C MET B 193 -6.77 -19.43 -16.27
N GLU B 194 -7.93 -18.80 -16.30
CA GLU B 194 -8.25 -17.72 -15.38
C GLU B 194 -8.11 -18.21 -13.94
N ILE B 195 -8.65 -19.41 -13.66
CA ILE B 195 -8.57 -19.99 -12.32
C ILE B 195 -7.14 -20.39 -11.99
N GLU B 196 -6.48 -21.06 -12.91
CA GLU B 196 -5.13 -21.55 -12.68
C GLU B 196 -4.20 -20.40 -12.33
N LEU B 197 -4.25 -19.32 -13.10
CA LEU B 197 -3.38 -18.17 -12.84
C LEU B 197 -3.62 -17.65 -11.44
N ASN B 198 -4.89 -17.46 -11.07
CA ASN B 198 -5.19 -17.02 -9.70
C ASN B 198 -4.77 -17.98 -8.56
N THR B 199 -4.60 -19.29 -8.83
CA THR B 199 -4.14 -20.20 -7.76
C THR B 199 -2.65 -20.13 -7.47
N ILE B 200 -1.89 -19.48 -8.35
CA ILE B 200 -0.45 -19.29 -8.09
C ILE B 200 -0.24 -18.25 -6.99
N PRO B 201 0.49 -18.61 -5.94
CA PRO B 201 0.77 -17.67 -4.86
C PRO B 201 1.55 -16.46 -5.38
N GLY B 202 1.01 -15.28 -5.12
CA GLY B 202 1.66 -14.08 -5.59
C GLY B 202 0.84 -13.49 -6.74
N VAL B 203 0.08 -14.31 -7.45
CA VAL B 203 -0.85 -13.75 -8.41
C VAL B 203 -2.10 -13.33 -7.65
N ILE B 204 -2.42 -12.04 -7.78
CA ILE B 204 -3.58 -11.45 -7.15
C ILE B 204 -4.83 -11.47 -8.04
N GLU B 205 -4.65 -11.17 -9.31
CA GLU B 205 -5.77 -11.22 -10.23
C GLU B 205 -5.17 -11.30 -11.61
N ASN B 206 -5.94 -11.83 -12.57
CA ASN B 206 -5.53 -11.79 -13.97
C ASN B 206 -6.63 -11.22 -14.90
N GLY B 207 -6.22 -10.79 -16.06
CA GLY B 207 -7.11 -10.09 -16.95
C GLY B 207 -8.04 -10.92 -17.79
N ILE B 208 -8.12 -12.22 -17.54
CA ILE B 208 -9.07 -13.05 -18.24
C ILE B 208 -10.38 -12.89 -17.50
N PHE B 209 -11.40 -12.43 -18.20
CA PHE B 209 -12.70 -12.29 -17.59
C PHE B 209 -13.60 -13.26 -18.33
N ALA B 210 -13.69 -14.47 -17.81
CA ALA B 210 -14.46 -15.53 -18.44
C ALA B 210 -15.77 -15.74 -17.73
N ASP B 211 -16.74 -16.13 -18.52
CA ASP B 211 -18.10 -16.37 -18.07
C ASP B 211 -18.65 -15.42 -16.98
N ILE B 212 -18.52 -14.13 -17.26
CA ILE B 212 -18.98 -13.08 -16.36
C ILE B 212 -19.72 -12.00 -17.15
N ALA B 213 -19.31 -11.74 -18.38
CA ALA B 213 -20.00 -10.72 -19.16
C ALA B 213 -21.40 -11.26 -19.44
N ASP B 214 -22.40 -10.39 -19.37
CA ASP B 214 -23.77 -10.78 -19.67
C ASP B 214 -24.16 -10.23 -21.02
N ILE B 215 -23.60 -9.09 -21.36
CA ILE B 215 -23.94 -8.42 -22.58
C ILE B 215 -22.77 -7.64 -23.07
N VAL B 216 -22.46 -7.81 -24.35
CA VAL B 216 -21.42 -7.05 -24.96
C VAL B 216 -22.06 -6.15 -25.99
N ILE B 217 -21.89 -4.85 -25.82
CA ILE B 217 -22.41 -3.87 -26.75
C ILE B 217 -21.27 -3.45 -27.62
N VAL B 218 -21.38 -3.82 -28.88
CA VAL B 218 -20.32 -3.56 -29.81
C VAL B 218 -20.72 -2.42 -30.68
N GLY B 219 -19.87 -1.41 -30.74
CA GLY B 219 -20.06 -0.33 -31.69
C GLY B 219 -19.60 -0.97 -32.98
N THR B 220 -20.44 -0.89 -34.02
CA THR B 220 -20.17 -1.55 -35.29
C THR B 220 -20.27 -0.62 -36.50
N ARG B 221 -19.24 -0.61 -37.35
CA ARG B 221 -19.27 0.20 -38.58
C ARG B 221 -20.72 0.48 -38.92
N GLU B 222 -21.45 -0.58 -39.25
CA GLU B 222 -22.90 -0.51 -39.39
C GLU B 222 -23.42 0.60 -38.49
N GLY B 223 -23.65 0.23 -37.23
CA GLY B 223 -24.21 1.09 -36.22
C GLY B 223 -23.97 0.57 -34.81
N VAL B 224 -24.61 -0.55 -34.45
CA VAL B 224 -24.46 -1.12 -33.12
C VAL B 224 -24.96 -2.56 -33.09
N LYS B 225 -24.65 -3.30 -32.03
CA LYS B 225 -24.97 -4.72 -31.97
C LYS B 225 -24.83 -5.28 -30.56
N LYS B 226 -25.92 -5.79 -29.98
CA LYS B 226 -25.84 -6.32 -28.62
C LYS B 226 -25.71 -7.84 -28.59
N LEU B 227 -24.56 -8.30 -28.13
CA LEU B 227 -24.28 -9.72 -28.08
C LEU B 227 -24.59 -10.25 -26.71
N GLU B 228 -25.12 -11.47 -26.69
CA GLU B 228 -25.32 -12.19 -25.46
C GLU B 228 -25.38 -13.65 -25.83
N ARG B 229 -25.13 -14.52 -24.86
CA ARG B 229 -25.18 -15.95 -25.09
C ARG B 229 -26.52 -16.53 -24.63
N MET C 1 -20.01 10.18 37.52
CA MET C 1 -20.03 9.40 36.24
C MET C 1 -18.63 8.81 35.99
N ASN C 2 -18.61 7.54 35.63
CA ASN C 2 -17.40 6.88 35.16
C ASN C 2 -16.90 7.48 33.83
N VAL C 3 -15.81 6.91 33.32
CA VAL C 3 -15.17 7.33 32.07
C VAL C 3 -16.05 7.24 30.83
N GLU C 4 -16.64 6.08 30.59
CA GLU C 4 -17.46 5.89 29.42
C GLU C 4 -18.64 6.86 29.46
N GLU C 5 -19.20 7.04 30.65
CA GLU C 5 -20.28 7.97 30.84
C GLU C 5 -19.76 9.36 30.45
N MET C 6 -18.50 9.63 30.78
CA MET C 6 -17.91 10.92 30.48
C MET C 6 -17.69 11.09 28.98
N LYS C 7 -17.34 10.01 28.31
CA LYS C 7 -17.12 10.07 26.88
C LYS C 7 -18.45 10.35 26.23
N LYS C 8 -19.50 9.71 26.75
CA LYS C 8 -20.83 9.76 26.15
C LYS C 8 -21.41 11.13 26.22
N ILE C 9 -21.21 11.78 27.36
CA ILE C 9 -21.77 13.08 27.55
C ILE C 9 -21.10 14.08 26.63
N ALA C 10 -19.82 13.86 26.34
CA ALA C 10 -19.09 14.78 25.46
C ALA C 10 -19.59 14.62 24.02
N ALA C 11 -19.90 13.39 23.67
CA ALA C 11 -20.38 13.08 22.33
C ALA C 11 -21.76 13.70 22.13
N LYS C 12 -22.59 13.61 23.17
CA LYS C 12 -23.94 14.16 23.11
C LYS C 12 -23.86 15.67 22.93
N GLU C 13 -23.01 16.30 23.72
CA GLU C 13 -22.84 17.73 23.63
C GLU C 13 -22.42 18.21 22.23
N ALA C 14 -21.61 17.42 21.53
CA ALA C 14 -21.09 17.79 20.22
C ALA C 14 -22.19 17.86 19.19
N LEU C 15 -23.16 16.97 19.34
CA LEU C 15 -24.31 17.01 18.45
C LEU C 15 -24.96 18.38 18.34
N LYS C 16 -24.86 19.20 19.38
CA LYS C 16 -25.47 20.53 19.36
C LYS C 16 -24.82 21.41 18.33
N PHE C 17 -23.63 21.03 17.90
CA PHE C 17 -22.92 21.81 16.90
C PHE C 17 -23.21 21.34 15.47
N ILE C 18 -23.96 20.25 15.30
CA ILE C 18 -24.20 19.71 13.97
C ILE C 18 -25.57 20.14 13.44
N GLU C 19 -25.58 20.69 12.23
CA GLU C 19 -26.80 21.16 11.60
C GLU C 19 -27.03 20.43 10.26
N ASP C 20 -28.26 20.46 9.78
CA ASP C 20 -28.59 19.94 8.46
C ASP C 20 -27.64 20.51 7.41
N ASP C 21 -27.42 19.71 6.36
CA ASP C 21 -26.57 20.09 5.21
C ASP C 21 -25.10 20.32 5.55
N MET C 22 -24.57 19.61 6.52
CA MET C 22 -23.17 19.77 6.86
C MET C 22 -22.35 18.60 6.32
N VAL C 23 -21.10 18.89 5.96
CA VAL C 23 -20.11 17.84 5.62
C VAL C 23 -19.34 17.73 6.94
N ILE C 24 -19.37 16.55 7.57
CA ILE C 24 -18.75 16.35 8.87
C ILE C 24 -17.57 15.41 8.83
N GLY C 25 -16.40 15.88 9.28
CA GLY C 25 -15.23 15.03 9.44
C GLY C 25 -15.49 14.09 10.59
N LEU C 26 -15.38 12.80 10.34
CA LEU C 26 -15.62 11.81 11.37
C LEU C 26 -14.35 11.19 11.88
N GLY C 27 -14.06 11.50 13.14
CA GLY C 27 -12.87 11.05 13.83
C GLY C 27 -12.79 9.61 14.28
N THR C 28 -11.65 9.27 14.86
CA THR C 28 -11.34 7.93 15.22
C THR C 28 -11.30 7.71 16.73
N GLY C 29 -11.56 6.46 17.15
CA GLY C 29 -11.47 6.08 18.55
C GLY C 29 -12.80 6.00 19.31
N SER C 30 -12.70 5.66 20.59
CA SER C 30 -13.88 5.33 21.42
C SER C 30 -14.84 6.48 21.65
N THR C 31 -14.30 7.65 21.94
CA THR C 31 -15.11 8.81 22.31
C THR C 31 -15.92 9.25 21.08
N THR C 32 -15.24 9.36 19.95
CA THR C 32 -15.92 9.76 18.73
C THR C 32 -16.92 8.68 18.26
N ALA C 33 -16.63 7.41 18.52
CA ALA C 33 -17.56 6.34 18.15
C ALA C 33 -18.96 6.58 18.73
N TYR C 34 -19.05 7.14 19.94
CA TYR C 34 -20.33 7.44 20.54
C TYR C 34 -21.01 8.50 19.71
N PHE C 35 -20.22 9.47 19.29
CA PHE C 35 -20.72 10.56 18.49
C PHE C 35 -21.29 10.07 17.17
N ILE C 36 -20.57 9.19 16.49
CA ILE C 36 -21.00 8.65 15.20
C ILE C 36 -22.32 7.86 15.32
N LYS C 37 -22.38 7.01 16.35
CA LYS C 37 -23.59 6.25 16.68
C LYS C 37 -24.80 7.16 16.96
N LEU C 38 -24.61 8.20 17.75
CA LEU C 38 -25.69 9.14 18.02
C LEU C 38 -26.08 9.95 16.79
N LEU C 39 -25.09 10.31 15.97
CA LEU C 39 -25.35 11.05 14.74
C LEU C 39 -26.21 10.19 13.84
N GLY C 40 -25.87 8.91 13.77
CA GLY C 40 -26.61 7.95 12.97
C GLY C 40 -28.06 7.86 13.42
N GLU C 41 -28.26 7.78 14.72
CA GLU C 41 -29.60 7.69 15.29
C GLU C 41 -30.38 8.95 15.00
N LYS C 42 -29.73 10.11 15.05
CA LYS C 42 -30.44 11.35 14.76
C LYS C 42 -30.91 11.35 13.33
N LEU C 43 -30.03 10.88 12.44
CA LEU C 43 -30.35 10.84 11.02
C LEU C 43 -31.52 9.87 10.74
N LYS C 44 -31.43 8.67 11.30
CA LYS C 44 -32.48 7.68 11.19
C LYS C 44 -33.83 8.22 11.67
N ARG C 45 -33.81 9.02 12.72
CA ARG C 45 -35.03 9.56 13.32
C ARG C 45 -35.57 10.79 12.58
N GLY C 46 -34.80 11.33 11.66
CA GLY C 46 -35.13 12.57 11.02
C GLY C 46 -34.85 13.85 11.80
N GLU C 47 -34.06 13.77 12.87
CA GLU C 47 -33.73 14.96 13.69
C GLU C 47 -32.70 15.86 13.00
N ILE C 48 -31.88 15.25 12.14
CA ILE C 48 -30.96 16.02 11.33
C ILE C 48 -31.07 15.43 9.94
N SER C 49 -30.71 16.20 8.93
CA SER C 49 -30.77 15.63 7.60
C SER C 49 -29.78 16.25 6.63
N ASP C 50 -29.55 15.54 5.52
CA ASP C 50 -28.66 15.98 4.47
C ASP C 50 -27.24 16.12 4.99
N ILE C 51 -26.78 15.15 5.78
CA ILE C 51 -25.39 15.20 6.20
C ILE C 51 -24.52 14.16 5.45
N VAL C 52 -23.24 14.50 5.33
CA VAL C 52 -22.26 13.62 4.69
C VAL C 52 -21.06 13.58 5.60
N GLY C 53 -20.61 12.39 5.94
CA GLY C 53 -19.41 12.22 6.73
C GLY C 53 -18.19 11.92 5.87
N VAL C 54 -17.05 12.45 6.31
CA VAL C 54 -15.81 12.22 5.66
C VAL C 54 -14.93 11.54 6.70
N PRO C 55 -14.75 10.24 6.54
CA PRO C 55 -14.03 9.45 7.55
C PRO C 55 -12.51 9.62 7.58
N THR C 56 -12.01 9.61 8.80
CA THR C 56 -10.62 9.79 9.07
C THR C 56 -9.92 8.46 9.23
N SER C 57 -10.64 7.35 9.12
CA SER C 57 -10.06 6.03 9.23
C SER C 57 -11.05 5.02 8.67
N TYR C 58 -10.59 3.80 8.41
CA TYR C 58 -11.48 2.71 8.13
C TYR C 58 -12.41 2.49 9.31
N GLN C 59 -11.93 2.68 10.54
CA GLN C 59 -12.82 2.54 11.68
C GLN C 59 -14.03 3.46 11.57
N ALA C 60 -13.80 4.73 11.37
CA ALA C 60 -14.89 5.67 11.22
C ALA C 60 -15.79 5.33 10.01
N LYS C 61 -15.16 4.96 8.90
CA LYS C 61 -15.90 4.65 7.68
C LYS C 61 -16.85 3.47 7.93
N LEU C 62 -16.29 2.41 8.51
CA LEU C 62 -17.05 1.22 8.75
C LEU C 62 -18.17 1.50 9.76
N LEU C 63 -17.89 2.30 10.77
CA LEU C 63 -18.90 2.60 11.78
C LEU C 63 -20.00 3.44 11.17
N ALA C 64 -19.64 4.41 10.34
CA ALA C 64 -20.64 5.18 9.59
C ALA C 64 -21.53 4.30 8.69
N ILE C 65 -20.93 3.34 7.97
CA ILE C 65 -21.69 2.48 7.07
C ILE C 65 -22.71 1.65 7.85
N GLU C 66 -22.28 1.16 9.00
CA GLU C 66 -23.11 0.32 9.85
C GLU C 66 -24.26 1.16 10.41
N HIS C 67 -24.02 2.45 10.68
CA HIS C 67 -25.06 3.36 11.17
C HIS C 67 -25.77 4.22 10.11
N ASP C 68 -25.63 3.80 8.86
CA ASP C 68 -26.30 4.38 7.69
C ASP C 68 -26.06 5.86 7.38
N ILE C 69 -24.90 6.36 7.76
CA ILE C 69 -24.52 7.72 7.46
C ILE C 69 -23.82 7.79 6.10
N PRO C 70 -24.33 8.62 5.19
CA PRO C 70 -23.71 8.76 3.88
C PRO C 70 -22.29 9.22 4.06
N ILE C 71 -21.35 8.63 3.35
CA ILE C 71 -19.98 9.15 3.42
C ILE C 71 -19.47 9.62 2.08
N ALA C 72 -18.24 10.18 2.13
CA ALA C 72 -17.55 10.67 0.95
C ALA C 72 -16.08 10.90 1.32
N SER C 73 -15.14 10.64 0.38
CA SER C 73 -13.74 10.94 0.60
C SER C 73 -13.51 12.44 0.41
N LEU C 74 -12.37 12.93 0.90
CA LEU C 74 -12.09 14.35 0.90
C LEU C 74 -12.16 14.97 -0.50
N ASP C 75 -11.72 14.24 -1.52
CA ASP C 75 -11.71 14.75 -2.86
C ASP C 75 -13.08 14.81 -3.49
N GLN C 76 -14.08 14.25 -2.80
CA GLN C 76 -15.46 14.25 -3.29
C GLN C 76 -16.21 15.45 -2.77
N VAL C 77 -15.72 16.12 -1.73
CA VAL C 77 -16.48 17.23 -1.15
C VAL C 77 -15.88 18.62 -1.37
N ASP C 78 -16.75 19.63 -1.31
CA ASP C 78 -16.37 21.02 -1.55
C ASP C 78 -15.64 21.58 -0.34
N ALA C 79 -16.00 21.05 0.82
CA ALA C 79 -15.41 21.50 2.05
C ALA C 79 -15.94 20.70 3.22
N ILE C 80 -15.31 20.93 4.37
CA ILE C 80 -15.62 20.25 5.61
C ILE C 80 -16.12 21.28 6.61
N ASP C 81 -17.39 21.24 6.94
CA ASP C 81 -17.92 22.26 7.85
C ASP C 81 -17.35 22.08 9.25
N VAL C 82 -17.53 20.90 9.82
CA VAL C 82 -17.07 20.60 11.15
C VAL C 82 -16.37 19.24 11.13
N ALA C 83 -15.28 19.08 11.86
CA ALA C 83 -14.64 17.77 12.03
C ALA C 83 -14.71 17.48 13.49
N VAL C 84 -15.07 16.26 13.84
CA VAL C 84 -15.20 15.89 15.24
C VAL C 84 -14.29 14.73 15.49
N ASP C 85 -13.44 14.84 16.51
CA ASP C 85 -12.48 13.75 16.76
C ASP C 85 -12.04 13.75 18.21
N GLY C 86 -11.39 12.68 18.62
CA GLY C 86 -10.85 12.59 19.98
C GLY C 86 -9.38 13.02 20.08
N ALA C 87 -8.79 12.79 21.25
CA ALA C 87 -7.39 13.13 21.49
C ALA C 87 -6.82 12.32 22.64
N ASP C 88 -5.50 12.15 22.64
CA ASP C 88 -4.86 11.39 23.69
C ASP C 88 -4.51 12.35 24.83
N GLU C 89 -4.27 13.61 24.47
CA GLU C 89 -3.89 14.67 25.39
C GLU C 89 -4.36 16.01 24.87
N VAL C 90 -4.73 16.90 25.79
CA VAL C 90 -5.11 18.27 25.44
C VAL C 90 -4.43 19.20 26.45
N ASP C 91 -3.56 20.07 25.98
CA ASP C 91 -2.94 21.05 26.86
C ASP C 91 -3.75 22.35 27.03
N PRO C 92 -3.36 23.18 28.01
CA PRO C 92 -4.07 24.45 28.27
C PRO C 92 -4.24 25.39 27.07
N ASN C 93 -3.40 25.34 26.05
CA ASN C 93 -3.62 26.18 24.86
C ASN C 93 -4.39 25.43 23.73
N LEU C 94 -4.92 24.27 24.07
CA LEU C 94 -5.72 23.46 23.14
C LEU C 94 -4.90 22.83 22.03
N ASN C 95 -3.61 22.63 22.30
CA ASN C 95 -2.75 21.85 21.43
C ASN C 95 -2.93 20.39 21.85
N LEU C 96 -2.94 19.46 20.88
CA LEU C 96 -3.21 18.06 21.21
C LEU C 96 -2.12 17.08 20.85
N ILE C 97 -2.15 15.93 21.55
CA ILE C 97 -1.53 14.72 21.03
C ILE C 97 -2.62 13.73 20.57
N LYS C 98 -2.53 13.28 19.33
CA LYS C 98 -3.39 12.23 18.81
C LYS C 98 -2.53 11.10 18.21
N GLY C 99 -3.13 9.98 17.85
CA GLY C 99 -2.43 8.94 17.13
C GLY C 99 -2.41 7.57 17.77
N ARG C 100 -2.98 7.45 18.97
CA ARG C 100 -3.12 6.16 19.61
C ARG C 100 -3.79 5.16 18.65
N GLY C 101 -4.80 5.61 17.92
CA GLY C 101 -5.51 4.74 16.99
C GLY C 101 -4.77 4.52 15.67
N ALA C 102 -3.66 5.22 15.50
CA ALA C 102 -2.80 5.09 14.34
C ALA C 102 -3.34 5.65 13.04
N ALA C 103 -4.24 6.63 13.13
CA ALA C 103 -4.86 7.20 11.94
C ALA C 103 -4.52 8.67 11.79
N LEU C 104 -3.38 9.07 12.27
CA LEU C 104 -3.01 10.49 12.25
C LEU C 104 -2.90 11.11 10.87
N THR C 105 -2.54 10.36 9.85
CA THR C 105 -2.42 10.94 8.53
C THR C 105 -3.76 11.43 7.99
N MET C 106 -4.81 10.60 7.97
CA MET C 106 -6.09 11.08 7.44
C MET C 106 -6.76 12.08 8.39
N GLU C 107 -6.67 11.83 9.69
CA GLU C 107 -7.16 12.79 10.70
C GLU C 107 -6.69 14.20 10.41
N LYS C 108 -5.39 14.36 10.20
CA LYS C 108 -4.85 15.69 9.90
C LYS C 108 -5.19 16.27 8.54
N ILE C 109 -5.27 15.42 7.53
CA ILE C 109 -5.65 15.88 6.21
C ILE C 109 -7.08 16.48 6.25
N ILE C 110 -7.96 15.81 6.98
CA ILE C 110 -9.36 16.23 7.07
C ILE C 110 -9.53 17.38 8.07
N GLU C 111 -8.96 17.24 9.25
CA GLU C 111 -9.16 18.25 10.31
C GLU C 111 -8.45 19.59 9.96
N TYR C 112 -7.32 19.50 9.27
CA TYR C 112 -6.67 20.68 8.73
C TYR C 112 -7.59 21.54 7.86
N ARG C 113 -8.55 20.97 7.16
CA ARG C 113 -9.39 21.80 6.29
C ARG C 113 -10.80 22.10 6.82
N ALA C 114 -11.08 21.71 8.04
CA ALA C 114 -12.40 21.85 8.63
C ALA C 114 -12.68 23.29 9.07
N GLY C 115 -13.89 23.79 8.83
CA GLY C 115 -14.29 25.11 9.31
C GLY C 115 -14.13 25.20 10.82
N THR C 116 -14.59 24.18 11.52
CA THR C 116 -14.41 24.09 12.96
C THR C 116 -13.96 22.71 13.30
N PHE C 117 -12.89 22.58 14.09
CA PHE C 117 -12.45 21.29 14.58
C PHE C 117 -12.88 21.16 16.06
N ILE C 118 -13.69 20.16 16.33
CA ILE C 118 -14.21 19.94 17.66
C ILE C 118 -13.59 18.67 18.23
N VAL C 119 -13.00 18.78 19.42
CA VAL C 119 -12.36 17.65 20.05
C VAL C 119 -13.20 17.12 21.19
N LEU C 120 -13.35 15.81 21.27
CA LEU C 120 -14.12 15.18 22.33
C LEU C 120 -13.22 14.38 23.22
N VAL C 121 -13.16 14.78 24.51
CA VAL C 121 -12.42 14.01 25.51
C VAL C 121 -13.10 13.91 26.89
N ASP C 122 -12.70 12.90 27.66
CA ASP C 122 -13.04 12.83 29.08
C ASP C 122 -11.91 13.49 29.89
N GLU C 123 -12.18 13.75 31.17
CA GLU C 123 -11.29 14.54 32.03
C GLU C 123 -9.81 14.16 32.00
N ARG C 124 -9.54 12.87 31.85
CA ARG C 124 -8.17 12.36 31.96
C ARG C 124 -7.21 12.89 30.90
N LYS C 125 -7.77 13.40 29.81
CA LYS C 125 -6.97 13.77 28.66
C LYS C 125 -6.38 15.16 28.85
N LEU C 126 -6.81 15.86 29.89
CA LEU C 126 -6.31 17.21 30.10
C LEU C 126 -4.95 17.08 30.75
N VAL C 127 -4.01 17.89 30.29
CA VAL C 127 -2.66 17.79 30.77
C VAL C 127 -2.14 19.16 30.99
N ASP C 128 -1.16 19.27 31.88
CA ASP C 128 -0.57 20.56 32.15
C ASP C 128 0.30 20.92 30.98
N TYR C 129 0.86 19.91 30.33
CA TYR C 129 1.65 20.12 29.13
C TYR C 129 1.70 18.88 28.24
N LEU C 130 1.91 19.11 26.95
CA LEU C 130 1.95 18.03 25.99
C LEU C 130 3.12 17.08 26.30
N CYS C 131 2.77 15.82 26.46
CA CYS C 131 3.71 14.72 26.77
C CYS C 131 3.86 14.48 28.27
N GLN C 132 2.97 15.06 29.05
CA GLN C 132 2.95 14.75 30.46
C GLN C 132 2.63 13.29 30.67
N LYS C 133 1.71 12.75 29.89
CA LYS C 133 1.32 11.35 30.08
C LYS C 133 1.44 10.43 28.86
N MET C 134 1.44 10.98 27.65
CA MET C 134 1.43 10.12 26.47
C MET C 134 2.55 10.46 25.48
N PRO C 135 3.02 9.46 24.75
CA PRO C 135 4.05 9.69 23.74
C PRO C 135 3.44 10.29 22.49
N VAL C 136 4.26 10.83 21.61
CA VAL C 136 3.81 11.33 20.33
C VAL C 136 3.92 10.19 19.29
N PRO C 137 2.81 9.70 18.76
CA PRO C 137 2.90 8.73 17.65
C PRO C 137 3.39 9.38 16.36
N ILE C 138 4.35 8.71 15.71
CA ILE C 138 4.93 9.16 14.44
C ILE C 138 4.81 8.06 13.35
N GLU C 139 4.14 8.40 12.27
CA GLU C 139 3.92 7.45 11.17
C GLU C 139 5.15 7.56 10.27
N VAL C 140 5.82 6.44 10.03
CA VAL C 140 7.05 6.44 9.25
C VAL C 140 7.05 5.42 8.11
N ILE C 141 7.76 5.76 7.04
CA ILE C 141 7.99 4.85 5.95
C ILE C 141 8.73 3.68 6.57
N PRO C 142 8.26 2.47 6.32
CA PRO C 142 8.81 1.32 7.01
C PRO C 142 10.32 1.21 7.07
N GLN C 143 11.00 1.39 5.94
CA GLN C 143 12.44 1.14 5.95
C GLN C 143 13.25 2.23 6.67
N ALA C 144 12.57 3.29 7.12
CA ALA C 144 13.27 4.36 7.82
C ALA C 144 13.08 4.25 9.31
N TRP C 145 12.42 3.21 9.74
CA TRP C 145 12.01 3.11 11.13
C TRP C 145 13.17 3.19 12.11
N LYS C 146 14.23 2.44 11.82
CA LYS C 146 15.39 2.34 12.69
C LYS C 146 16.17 3.66 12.72
N ALA C 147 16.33 4.28 11.56
CA ALA C 147 17.14 5.47 11.50
C ALA C 147 16.42 6.54 12.27
N ILE C 148 15.11 6.58 12.11
CA ILE C 148 14.33 7.59 12.80
C ILE C 148 14.35 7.36 14.31
N ILE C 149 14.23 6.10 14.73
CA ILE C 149 14.34 5.83 16.17
C ILE C 149 15.65 6.40 16.68
N GLU C 150 16.75 6.07 16.01
CA GLU C 150 18.06 6.51 16.44
C GLU C 150 18.17 8.03 16.50
N GLU C 151 17.57 8.72 15.53
CA GLU C 151 17.64 10.15 15.45
C GLU C 151 16.80 10.85 16.53
N LEU C 152 15.67 10.25 16.89
CA LEU C 152 14.80 10.83 17.90
C LEU C 152 15.45 10.76 19.29
N SER C 153 16.29 9.74 19.46
CA SER C 153 16.85 9.38 20.76
C SER C 153 17.92 10.37 21.05
N ILE C 154 18.67 10.69 20.02
CA ILE C 154 19.64 11.76 20.09
C ILE C 154 18.89 13.03 20.53
N PHE C 155 17.61 13.15 20.20
CA PHE C 155 16.83 14.35 20.58
C PHE C 155 16.12 14.18 21.92
N ASN C 156 16.53 13.20 22.72
CA ASN C 156 16.01 13.03 24.08
C ASN C 156 14.59 12.46 24.19
N ALA C 157 14.17 11.73 23.16
CA ALA C 157 12.93 11.00 23.26
C ALA C 157 13.19 9.51 23.39
N LYS C 158 12.36 8.82 24.16
CA LYS C 158 12.43 7.39 24.20
C LYS C 158 11.42 6.96 23.13
N ALA C 159 11.89 6.33 22.06
CA ALA C 159 10.97 5.93 21.00
C ALA C 159 10.99 4.45 20.77
N GLU C 160 9.83 3.89 20.43
CA GLU C 160 9.75 2.46 20.16
C GLU C 160 8.74 2.20 19.04
N LEU C 161 9.01 1.12 18.32
CA LEU C 161 8.19 0.68 17.20
C LEU C 161 6.97 0.03 17.79
N ARG C 162 5.79 0.51 17.41
CA ARG C 162 4.54 -0.09 17.88
C ARG C 162 4.33 -1.44 17.20
N MET C 163 4.09 -2.45 18.03
CA MET C 163 3.97 -3.82 17.62
C MET C 163 2.55 -4.31 17.65
N GLY C 164 2.23 -5.17 16.70
CA GLY C 164 0.89 -5.70 16.56
C GLY C 164 0.54 -6.71 17.64
N VAL C 165 -0.75 -6.77 17.98
CA VAL C 165 -1.26 -7.81 18.85
C VAL C 165 -2.06 -8.79 18.03
N ASN C 166 -2.90 -8.28 17.12
CA ASN C 166 -3.71 -9.16 16.27
C ASN C 166 -3.05 -9.46 14.93
N LYS C 167 -1.77 -9.10 14.85
CA LYS C 167 -0.89 -9.55 13.80
C LYS C 167 0.48 -9.66 14.42
N ASP C 168 1.37 -10.44 13.80
CA ASP C 168 2.77 -10.48 14.24
C ASP C 168 3.47 -9.33 13.55
N GLY C 169 4.66 -8.97 14.06
CA GLY C 169 5.44 -7.88 13.50
C GLY C 169 4.84 -6.55 13.88
N PRO C 170 5.25 -5.50 13.18
CA PRO C 170 4.81 -4.15 13.51
C PRO C 170 3.38 -3.86 13.17
N VAL C 171 2.79 -2.91 13.87
CA VAL C 171 1.48 -2.42 13.50
C VAL C 171 1.63 -1.81 12.11
N ILE C 172 0.69 -2.05 11.21
CA ILE C 172 0.67 -1.40 9.91
C ILE C 172 -0.51 -0.42 9.88
N THR C 173 -0.25 0.84 9.50
CA THR C 173 -1.30 1.83 9.40
C THR C 173 -2.13 1.58 8.15
N ASP C 174 -3.23 2.30 8.06
CA ASP C 174 -4.12 2.15 6.92
C ASP C 174 -3.44 2.44 5.60
N ASN C 175 -2.38 3.22 5.61
CA ASN C 175 -1.65 3.52 4.38
C ASN C 175 -0.42 2.63 4.19
N GLY C 176 -0.29 1.59 5.02
CA GLY C 176 0.79 0.65 4.87
C GLY C 176 2.09 1.05 5.57
N ASN C 177 2.03 1.99 6.51
CA ASN C 177 3.26 2.39 7.19
C ASN C 177 3.45 1.83 8.60
N PHE C 178 4.60 2.13 9.21
CA PHE C 178 4.89 1.72 10.58
C PHE C 178 4.56 2.90 11.46
N ILE C 179 4.46 2.64 12.73
CA ILE C 179 4.25 3.76 13.61
C ILE C 179 5.15 3.68 14.84
N ILE C 180 5.77 4.81 15.20
CA ILE C 180 6.68 4.87 16.33
C ILE C 180 6.09 5.73 17.44
N ASP C 181 6.16 5.25 18.67
CA ASP C 181 5.70 6.05 19.79
C ASP C 181 6.93 6.66 20.49
N ALA C 182 7.01 7.98 20.45
CA ALA C 182 8.14 8.72 20.98
C ALA C 182 7.75 9.53 22.20
N LYS C 183 8.32 9.21 23.35
CA LYS C 183 7.98 9.98 24.55
C LYS C 183 8.98 11.10 24.71
N PHE C 184 8.56 12.32 24.43
CA PHE C 184 9.42 13.47 24.68
C PHE C 184 9.19 13.89 26.12
N PRO C 185 10.13 14.66 26.68
CA PRO C 185 10.02 15.18 28.04
C PRO C 185 8.76 15.99 28.30
N ARG C 186 8.64 17.10 27.60
CA ARG C 186 7.50 18.01 27.74
C ARG C 186 7.79 18.93 26.57
N ILE C 187 6.76 19.30 25.85
CA ILE C 187 6.96 20.08 24.66
C ILE C 187 6.44 21.48 24.87
N ASP C 188 7.35 22.44 24.96
CA ASP C 188 6.94 23.84 25.20
C ASP C 188 6.49 24.59 23.94
N ASP C 189 6.92 24.13 22.78
CA ASP C 189 6.49 24.77 21.53
C ASP C 189 5.98 23.68 20.59
N PRO C 190 4.74 23.25 20.79
CA PRO C 190 4.19 22.18 19.97
C PRO C 190 4.15 22.49 18.48
N LEU C 191 3.77 23.70 18.10
CA LEU C 191 3.67 24.02 16.68
C LEU C 191 4.99 23.90 15.90
N ASP C 192 6.06 24.55 16.38
CA ASP C 192 7.36 24.38 15.72
C ASP C 192 7.88 22.93 15.75
N MET C 193 7.67 22.21 16.85
CA MET C 193 8.05 20.83 16.95
C MET C 193 7.28 19.95 15.92
N GLU C 194 5.98 20.23 15.78
CA GLU C 194 5.11 19.53 14.81
C GLU C 194 5.60 19.77 13.40
N ILE C 195 5.91 21.00 13.09
CA ILE C 195 6.36 21.33 11.76
C ILE C 195 7.75 20.73 11.48
N GLU C 196 8.69 20.92 12.38
CA GLU C 196 10.05 20.48 12.08
C GLU C 196 10.21 18.94 12.09
N LEU C 197 9.43 18.25 12.92
CA LEU C 197 9.48 16.81 12.94
C LEU C 197 9.15 16.24 11.57
N ASN C 198 8.11 16.78 10.94
CA ASN C 198 7.75 16.33 9.61
C ASN C 198 8.83 16.57 8.55
N THR C 199 9.84 17.38 8.87
CA THR C 199 10.85 17.68 7.88
C THR C 199 11.82 16.51 7.75
N ILE C 200 11.85 15.64 8.73
CA ILE C 200 12.72 14.47 8.66
C ILE C 200 12.23 13.53 7.56
N PRO C 201 13.11 13.19 6.62
CA PRO C 201 12.76 12.22 5.55
C PRO C 201 12.44 10.86 6.15
N GLY C 202 11.23 10.39 5.85
CA GLY C 202 10.73 9.15 6.39
C GLY C 202 9.60 9.38 7.40
N VAL C 203 9.56 10.56 8.00
CA VAL C 203 8.48 10.92 8.90
C VAL C 203 7.37 11.43 8.02
N ILE C 204 6.25 10.71 8.06
CA ILE C 204 5.11 11.02 7.23
C ILE C 204 4.19 11.98 7.96
N GLU C 205 3.93 11.70 9.23
CA GLU C 205 3.05 12.54 10.03
C GLU C 205 3.36 12.26 11.47
N ASN C 206 3.14 13.26 12.32
CA ASN C 206 3.25 13.06 13.75
C ASN C 206 1.97 13.47 14.49
N GLY C 207 1.83 12.95 15.68
CA GLY C 207 0.65 13.13 16.51
C GLY C 207 0.43 14.46 17.20
N ILE C 208 1.30 15.43 16.98
CA ILE C 208 1.13 16.75 17.56
C ILE C 208 0.13 17.48 16.71
N PHE C 209 -1.00 17.84 17.30
CA PHE C 209 -1.98 18.62 16.57
C PHE C 209 -2.06 19.99 17.22
N ALA C 210 -1.20 20.90 16.75
CA ALA C 210 -1.16 22.24 17.30
C ALA C 210 -1.81 23.32 16.42
N ASP C 211 -2.41 24.32 17.06
CA ASP C 211 -2.98 25.47 16.31
C ASP C 211 -4.07 25.05 15.35
N ILE C 212 -4.87 24.05 15.72
CA ILE C 212 -5.91 23.58 14.81
C ILE C 212 -7.25 23.32 15.52
N ALA C 213 -7.24 22.85 16.76
CA ALA C 213 -8.45 22.66 17.53
C ALA C 213 -9.12 24.00 17.87
N ASP C 214 -10.43 24.06 17.67
CA ASP C 214 -11.20 25.26 17.89
C ASP C 214 -12.01 25.16 19.17
N ILE C 215 -12.65 24.01 19.38
CA ILE C 215 -13.40 23.77 20.60
C ILE C 215 -13.02 22.44 21.18
N VAL C 216 -12.79 22.37 22.49
CA VAL C 216 -12.63 21.09 23.15
C VAL C 216 -13.79 20.82 24.11
N ILE C 217 -14.52 19.75 23.84
CA ILE C 217 -15.66 19.38 24.66
C ILE C 217 -15.20 18.32 25.62
N VAL C 218 -15.27 18.65 26.90
CA VAL C 218 -14.72 17.78 27.93
C VAL C 218 -15.80 17.21 28.83
N GLY C 219 -15.86 15.88 28.86
CA GLY C 219 -16.74 15.17 29.77
C GLY C 219 -16.03 15.11 31.11
N THR C 220 -16.72 15.59 32.15
CA THR C 220 -16.18 15.60 33.52
C THR C 220 -16.96 14.66 34.44
N ARG C 221 -16.51 14.53 35.69
CA ARG C 221 -17.05 13.56 36.65
C ARG C 221 -18.52 13.76 37.03
N GLU C 222 -19.00 14.99 36.88
CA GLU C 222 -20.39 15.33 37.19
C GLU C 222 -21.13 16.01 36.03
N GLY C 223 -20.40 16.44 35.00
CA GLY C 223 -21.05 17.15 33.90
C GLY C 223 -20.26 17.37 32.62
N VAL C 224 -20.46 18.55 32.02
CA VAL C 224 -19.85 18.91 30.74
C VAL C 224 -19.16 20.27 30.80
N LYS C 225 -18.02 20.36 30.12
CA LYS C 225 -17.24 21.58 30.01
C LYS C 225 -16.92 21.81 28.53
N LYS C 226 -16.79 23.07 28.15
CA LYS C 226 -16.48 23.43 26.77
C LYS C 226 -15.33 24.45 26.77
N LEU C 227 -14.16 24.06 26.28
CA LEU C 227 -13.01 24.95 26.17
C LEU C 227 -12.92 25.49 24.76
N GLU C 228 -12.49 26.74 24.60
CA GLU C 228 -12.44 27.34 23.27
C GLU C 228 -11.27 28.26 22.96
N ARG C 229 -10.81 28.18 21.71
CA ARG C 229 -9.73 29.02 21.23
C ARG C 229 -10.03 30.50 21.37
N MET D 1 30.13 13.07 -27.40
CA MET D 1 29.80 14.51 -27.11
C MET D 1 28.29 14.72 -27.01
N ASN D 2 27.54 13.63 -26.96
CA ASN D 2 26.12 13.76 -26.73
C ASN D 2 25.73 13.49 -25.28
N VAL D 3 24.43 13.49 -25.01
CA VAL D 3 23.97 13.37 -23.64
C VAL D 3 24.41 12.08 -22.97
N GLU D 4 24.23 10.96 -23.63
CA GLU D 4 24.61 9.70 -23.01
C GLU D 4 26.11 9.60 -22.70
N GLU D 5 26.95 10.22 -23.53
CA GLU D 5 28.40 10.23 -23.28
C GLU D 5 28.65 11.09 -22.06
N MET D 6 27.90 12.18 -21.96
CA MET D 6 28.03 13.10 -20.82
C MET D 6 27.67 12.36 -19.54
N LYS D 7 26.63 11.53 -19.61
CA LYS D 7 26.20 10.79 -18.43
C LYS D 7 27.25 9.77 -18.04
N LYS D 8 27.74 9.01 -19.02
CA LYS D 8 28.73 8.00 -18.70
C LYS D 8 29.99 8.58 -18.02
N ILE D 9 30.56 9.66 -18.54
CA ILE D 9 31.77 10.20 -17.90
C ILE D 9 31.51 10.68 -16.49
N ALA D 10 30.30 11.11 -16.21
CA ALA D 10 30.01 11.54 -14.84
C ALA D 10 29.96 10.32 -13.95
N ALA D 11 29.37 9.25 -14.46
CA ALA D 11 29.29 8.01 -13.71
C ALA D 11 30.68 7.45 -13.41
N LYS D 12 31.55 7.50 -14.42
CA LYS D 12 32.91 6.98 -14.32
C LYS D 12 33.65 7.74 -13.24
N GLU D 13 33.50 9.05 -13.23
CA GLU D 13 34.15 9.86 -12.22
C GLU D 13 33.70 9.50 -10.82
N ALA D 14 32.42 9.15 -10.68
CA ALA D 14 31.84 8.94 -9.36
C ALA D 14 32.40 7.72 -8.70
N LEU D 15 32.69 6.75 -9.53
CA LEU D 15 33.21 5.48 -9.08
C LEU D 15 34.51 5.70 -8.32
N LYS D 16 35.17 6.83 -8.58
CA LYS D 16 36.43 7.14 -7.91
C LYS D 16 36.25 7.34 -6.41
N PHE D 17 35.04 7.71 -5.99
CA PHE D 17 34.77 7.99 -4.59
C PHE D 17 34.34 6.74 -3.83
N ILE D 18 34.33 5.59 -4.48
CA ILE D 18 33.90 4.38 -3.83
C ILE D 18 35.09 3.52 -3.42
N GLU D 19 35.09 3.07 -2.17
CA GLU D 19 36.17 2.27 -1.63
C GLU D 19 35.59 1.01 -1.01
N ASP D 20 36.43 -0.02 -0.89
CA ASP D 20 36.06 -1.22 -0.16
C ASP D 20 35.39 -0.87 1.14
N ASP D 21 34.56 -1.78 1.60
CA ASP D 21 33.85 -1.64 2.85
C ASP D 21 32.93 -0.43 2.88
N MET D 22 32.31 -0.07 1.76
CA MET D 22 31.35 1.03 1.79
C MET D 22 29.88 0.58 1.62
N VAL D 23 28.97 1.25 2.33
CA VAL D 23 27.54 1.08 2.08
C VAL D 23 27.16 2.26 1.19
N ILE D 24 26.56 1.95 0.06
CA ILE D 24 26.33 2.97 -0.97
C ILE D 24 24.84 3.07 -1.31
N GLY D 25 24.29 4.26 -1.22
CA GLY D 25 22.92 4.43 -1.63
C GLY D 25 22.94 4.47 -3.14
N LEU D 26 22.11 3.64 -3.75
CA LEU D 26 22.02 3.54 -5.18
C LEU D 26 20.83 4.29 -5.75
N GLY D 27 21.14 5.42 -6.36
CA GLY D 27 20.15 6.28 -6.96
C GLY D 27 19.30 5.70 -8.07
N THR D 28 18.39 6.55 -8.56
CA THR D 28 17.42 6.21 -9.59
C THR D 28 17.61 7.02 -10.85
N GLY D 29 17.31 6.41 -11.98
CA GLY D 29 17.39 7.07 -13.28
C GLY D 29 18.54 6.56 -14.13
N SER D 30 18.56 7.01 -15.38
CA SER D 30 19.57 6.60 -16.37
C SER D 30 21.01 7.05 -16.07
N THR D 31 21.24 8.24 -15.52
CA THR D 31 22.63 8.63 -15.29
C THR D 31 23.24 7.68 -14.26
N THR D 32 22.50 7.48 -13.18
CA THR D 32 22.97 6.61 -12.12
C THR D 32 23.03 5.14 -12.58
N ALA D 33 22.23 4.76 -13.58
CA ALA D 33 22.21 3.36 -14.03
C ALA D 33 23.57 3.01 -14.59
N TYR D 34 24.16 3.96 -15.28
CA TYR D 34 25.52 3.84 -15.74
C TYR D 34 26.45 3.59 -14.56
N PHE D 35 26.28 4.32 -13.46
CA PHE D 35 27.12 4.16 -12.27
C PHE D 35 26.99 2.75 -11.69
N ILE D 36 25.75 2.27 -11.57
CA ILE D 36 25.48 0.95 -11.03
C ILE D 36 26.12 -0.16 -11.88
N LYS D 37 26.09 0.00 -13.21
CA LYS D 37 26.70 -0.99 -14.11
C LYS D 37 28.22 -0.99 -14.00
N LEU D 38 28.82 0.19 -13.92
CA LEU D 38 30.25 0.29 -13.73
C LEU D 38 30.69 -0.23 -12.35
N LEU D 39 29.84 -0.08 -11.34
CA LEU D 39 30.15 -0.50 -9.97
C LEU D 39 30.16 -2.02 -9.95
N GLY D 40 29.25 -2.60 -10.72
CA GLY D 40 29.11 -4.02 -10.84
C GLY D 40 30.28 -4.64 -11.58
N GLU D 41 30.70 -3.99 -12.66
CA GLU D 41 31.80 -4.48 -13.48
C GLU D 41 33.14 -4.45 -12.74
N LYS D 42 33.35 -3.40 -11.95
CA LYS D 42 34.56 -3.25 -11.14
C LYS D 42 34.57 -4.29 -10.03
N LEU D 43 33.38 -4.69 -9.60
CA LEU D 43 33.22 -5.68 -8.55
C LEU D 43 33.45 -7.06 -9.15
N LYS D 44 33.09 -7.20 -10.42
CA LYS D 44 33.30 -8.42 -11.17
C LYS D 44 34.80 -8.66 -11.31
N ARG D 45 35.51 -7.60 -11.67
CA ARG D 45 36.95 -7.64 -11.87
C ARG D 45 37.71 -7.93 -10.58
N GLY D 46 37.11 -7.59 -9.44
CA GLY D 46 37.77 -7.73 -8.16
C GLY D 46 38.47 -6.46 -7.70
N GLU D 47 38.29 -5.35 -8.42
CA GLU D 47 39.02 -4.10 -8.13
C GLU D 47 38.53 -3.34 -6.88
N ILE D 48 37.37 -3.74 -6.36
CA ILE D 48 36.84 -3.19 -5.13
C ILE D 48 36.09 -4.34 -4.53
N SER D 49 35.91 -4.35 -3.23
CA SER D 49 35.17 -5.44 -2.65
C SER D 49 34.41 -5.05 -1.39
N ASP D 50 33.52 -5.93 -0.96
CA ASP D 50 32.86 -5.71 0.31
C ASP D 50 31.92 -4.52 0.25
N ILE D 51 31.25 -4.34 -0.88
CA ILE D 51 30.29 -3.24 -1.01
C ILE D 51 28.89 -3.76 -0.88
N VAL D 52 28.03 -2.92 -0.29
CA VAL D 52 26.61 -3.20 -0.19
C VAL D 52 25.85 -1.97 -0.71
N GLY D 53 24.92 -2.18 -1.64
CA GLY D 53 24.07 -1.10 -2.14
C GLY D 53 22.74 -1.05 -1.42
N VAL D 54 22.25 0.15 -1.16
CA VAL D 54 20.93 0.33 -0.58
C VAL D 54 20.13 1.09 -1.67
N PRO D 55 19.25 0.40 -2.38
CA PRO D 55 18.49 0.96 -3.51
C PRO D 55 17.44 1.96 -3.11
N THR D 56 17.33 3.01 -3.92
CA THR D 56 16.36 4.04 -3.70
C THR D 56 15.06 3.76 -4.48
N SER D 57 15.00 2.64 -5.18
CA SER D 57 13.80 2.32 -5.97
C SER D 57 13.84 0.88 -6.45
N TYR D 58 12.72 0.39 -6.98
CA TYR D 58 12.73 -0.93 -7.58
C TYR D 58 13.67 -0.96 -8.78
N GLN D 59 13.70 0.12 -9.54
CA GLN D 59 14.62 0.22 -10.67
C GLN D 59 16.09 0.01 -10.27
N ALA D 60 16.53 0.72 -9.26
CA ALA D 60 17.89 0.59 -8.79
C ALA D 60 18.13 -0.80 -8.22
N LYS D 61 17.15 -1.34 -7.50
CA LYS D 61 17.29 -2.67 -6.93
C LYS D 61 17.45 -3.73 -8.03
N LEU D 62 16.54 -3.70 -9.00
CA LEU D 62 16.56 -4.63 -10.11
C LEU D 62 17.92 -4.60 -10.85
N LEU D 63 18.48 -3.42 -11.05
CA LEU D 63 19.71 -3.27 -11.81
C LEU D 63 20.86 -3.81 -10.98
N ALA D 64 20.88 -3.44 -9.70
CA ALA D 64 21.85 -3.98 -8.77
C ALA D 64 21.87 -5.50 -8.79
N ILE D 65 20.70 -6.13 -8.74
CA ILE D 65 20.60 -7.58 -8.71
C ILE D 65 21.14 -8.15 -10.00
N GLU D 66 20.79 -7.53 -11.13
CA GLU D 66 21.28 -7.97 -12.42
C GLU D 66 22.80 -7.85 -12.57
N HIS D 67 23.40 -6.94 -11.81
CA HIS D 67 24.85 -6.72 -11.86
C HIS D 67 25.56 -7.31 -10.64
N ASP D 68 24.85 -8.23 -9.98
CA ASP D 68 25.33 -8.96 -8.78
C ASP D 68 25.94 -8.12 -7.69
N ILE D 69 25.37 -6.96 -7.40
CA ILE D 69 25.81 -6.16 -6.28
C ILE D 69 24.98 -6.53 -5.06
N PRO D 70 25.62 -6.92 -3.96
CA PRO D 70 24.87 -7.20 -2.74
C PRO D 70 24.07 -5.97 -2.33
N ILE D 71 22.83 -6.17 -1.88
CA ILE D 71 21.96 -5.06 -1.48
C ILE D 71 21.28 -5.29 -0.13
N ALA D 72 20.73 -4.20 0.39
CA ALA D 72 20.04 -4.22 1.67
C ALA D 72 19.12 -3.01 1.75
N SER D 73 18.05 -3.09 2.54
CA SER D 73 17.23 -1.92 2.84
C SER D 73 17.91 -1.08 3.95
N LEU D 74 17.43 0.13 4.14
CA LEU D 74 18.06 1.04 5.07
C LEU D 74 18.20 0.49 6.45
N ASP D 75 17.18 -0.27 6.86
CA ASP D 75 17.11 -0.80 8.20
C ASP D 75 18.04 -1.99 8.46
N GLN D 76 18.71 -2.48 7.43
CA GLN D 76 19.68 -3.55 7.60
C GLN D 76 21.09 -2.98 7.78
N VAL D 77 21.31 -1.68 7.58
CA VAL D 77 22.69 -1.20 7.67
C VAL D 77 22.88 -0.24 8.80
N ASP D 78 24.15 -0.05 9.16
CA ASP D 78 24.53 0.81 10.28
C ASP D 78 24.65 2.26 9.85
N ALA D 79 25.01 2.48 8.58
CA ALA D 79 25.03 3.81 8.00
C ALA D 79 25.21 3.73 6.50
N ILE D 80 25.00 4.85 5.83
CA ILE D 80 25.21 4.97 4.41
C ILE D 80 26.44 5.83 4.24
N ASP D 81 27.52 5.27 3.73
CA ASP D 81 28.75 6.05 3.57
C ASP D 81 28.67 7.09 2.45
N VAL D 82 28.17 6.66 1.31
CA VAL D 82 28.07 7.51 0.14
C VAL D 82 26.77 7.14 -0.57
N ALA D 83 26.07 8.14 -1.08
CA ALA D 83 24.90 7.88 -1.89
C ALA D 83 25.09 8.60 -3.20
N VAL D 84 24.72 7.94 -4.26
CA VAL D 84 24.91 8.44 -5.61
C VAL D 84 23.55 8.41 -6.32
N ASP D 85 23.25 9.50 -6.99
CA ASP D 85 21.95 9.64 -7.62
C ASP D 85 22.03 10.81 -8.57
N GLY D 86 20.98 10.96 -9.36
CA GLY D 86 20.89 12.04 -10.31
C GLY D 86 20.02 13.15 -9.80
N ALA D 87 19.65 14.02 -10.72
CA ALA D 87 18.81 15.17 -10.44
C ALA D 87 18.22 15.69 -11.74
N ASP D 88 17.10 16.40 -11.60
CA ASP D 88 16.42 17.01 -12.72
C ASP D 88 16.97 18.42 -12.91
N GLU D 89 17.38 19.06 -11.80
CA GLU D 89 17.97 20.41 -11.83
C GLU D 89 19.00 20.54 -10.73
N VAL D 90 20.05 21.31 -11.02
CA VAL D 90 21.04 21.68 -10.01
C VAL D 90 21.28 23.19 -10.12
N ASP D 91 20.96 23.92 -9.07
CA ASP D 91 21.23 25.35 -9.05
C ASP D 91 22.67 25.66 -8.62
N PRO D 92 23.05 26.94 -8.65
CA PRO D 92 24.43 27.34 -8.33
C PRO D 92 24.84 26.97 -6.91
N ASN D 93 23.88 26.98 -5.99
CA ASN D 93 24.16 26.64 -4.60
C ASN D 93 24.09 25.13 -4.37
N LEU D 94 23.87 24.39 -5.46
CA LEU D 94 23.81 22.93 -5.43
C LEU D 94 22.56 22.39 -4.72
N ASN D 95 21.49 23.17 -4.70
CA ASN D 95 20.21 22.63 -4.31
C ASN D 95 19.66 21.93 -5.56
N LEU D 96 18.85 20.90 -5.37
CA LEU D 96 18.34 20.19 -6.52
C LEU D 96 16.84 20.14 -6.58
N ILE D 97 16.35 19.83 -7.77
CA ILE D 97 15.01 19.28 -7.89
C ILE D 97 15.20 17.84 -8.36
N LYS D 98 14.47 16.90 -7.75
CA LYS D 98 14.51 15.49 -8.11
C LYS D 98 13.07 15.00 -8.18
N GLY D 99 12.87 13.79 -8.72
CA GLY D 99 11.56 13.17 -8.73
C GLY D 99 10.86 12.89 -10.04
N ARG D 100 11.47 13.28 -11.16
CA ARG D 100 10.97 12.88 -12.48
C ARG D 100 10.66 11.39 -12.40
N GLY D 101 11.59 10.63 -11.81
CA GLY D 101 11.39 9.18 -11.69
C GLY D 101 10.37 8.66 -10.70
N ALA D 102 9.80 9.57 -9.91
CA ALA D 102 8.80 9.30 -8.88
C ALA D 102 9.29 8.55 -7.65
N ALA D 103 10.61 8.41 -7.49
CA ALA D 103 11.24 7.73 -6.36
C ALA D 103 11.74 8.68 -5.24
N LEU D 104 11.28 9.92 -5.28
CA LEU D 104 11.74 10.93 -4.32
C LEU D 104 11.67 10.57 -2.82
N THR D 105 10.69 9.78 -2.39
CA THR D 105 10.53 9.49 -0.99
C THR D 105 11.71 8.66 -0.51
N MET D 106 11.92 7.54 -1.16
CA MET D 106 13.05 6.69 -0.80
C MET D 106 14.41 7.34 -1.01
N GLU D 107 14.53 8.14 -2.06
CA GLU D 107 15.76 8.84 -2.35
C GLU D 107 16.15 9.75 -1.21
N LYS D 108 15.20 10.56 -0.73
CA LYS D 108 15.51 11.50 0.34
C LYS D 108 15.77 10.75 1.66
N ILE D 109 15.02 9.71 1.90
CA ILE D 109 15.24 8.91 3.09
C ILE D 109 16.71 8.41 3.17
N ILE D 110 17.21 7.87 2.07
CA ILE D 110 18.56 7.29 2.03
C ILE D 110 19.65 8.37 1.94
N GLU D 111 19.41 9.36 1.10
CA GLU D 111 20.38 10.42 0.84
C GLU D 111 20.58 11.35 2.05
N TYR D 112 19.52 11.57 2.82
CA TYR D 112 19.58 12.41 4.01
C TYR D 112 20.57 11.85 5.02
N ARG D 113 20.70 10.55 5.04
CA ARG D 113 21.59 9.89 5.98
C ARG D 113 22.97 9.53 5.41
N ALA D 114 23.31 10.02 4.24
CA ALA D 114 24.59 9.63 3.61
C ALA D 114 25.76 10.47 4.13
N GLY D 115 26.92 9.87 4.32
CA GLY D 115 28.08 10.64 4.76
C GLY D 115 28.43 11.66 3.69
N THR D 116 28.32 11.21 2.44
CA THR D 116 28.54 12.03 1.26
C THR D 116 27.50 11.71 0.20
N PHE D 117 26.73 12.72 -0.21
CA PHE D 117 25.71 12.58 -1.25
C PHE D 117 26.33 13.15 -2.51
N ILE D 118 26.59 12.28 -3.46
CA ILE D 118 27.18 12.71 -4.73
C ILE D 118 26.10 12.73 -5.78
N VAL D 119 25.92 13.86 -6.43
CA VAL D 119 24.95 13.99 -7.53
C VAL D 119 25.63 13.90 -8.91
N LEU D 120 25.04 13.09 -9.81
CA LEU D 120 25.59 12.98 -11.14
C LEU D 120 24.64 13.48 -12.19
N VAL D 121 25.13 14.31 -13.10
CA VAL D 121 24.25 14.95 -14.10
C VAL D 121 25.03 15.33 -15.32
N ASP D 122 24.34 15.41 -16.48
CA ASP D 122 24.93 16.07 -17.64
C ASP D 122 24.62 17.56 -17.56
N GLU D 123 25.23 18.35 -18.44
CA GLU D 123 25.12 19.79 -18.33
C GLU D 123 23.71 20.36 -18.51
N ARG D 124 22.78 19.64 -19.14
CA ARG D 124 21.41 20.14 -19.27
C ARG D 124 20.79 20.47 -17.91
N LYS D 125 21.22 19.75 -16.89
CA LYS D 125 20.64 19.90 -15.54
C LYS D 125 20.98 21.17 -14.78
N LEU D 126 22.09 21.82 -15.12
CA LEU D 126 22.50 23.02 -14.42
C LEU D 126 21.50 24.11 -14.71
N VAL D 127 21.04 24.80 -13.68
CA VAL D 127 20.10 25.88 -13.86
C VAL D 127 20.58 27.08 -13.08
N ASP D 128 20.08 28.25 -13.44
CA ASP D 128 20.46 29.46 -12.75
C ASP D 128 19.60 29.62 -11.52
N TYR D 129 18.42 29.03 -11.57
CA TYR D 129 17.61 28.90 -10.39
C TYR D 129 16.66 27.74 -10.55
N LEU D 130 16.17 27.25 -9.43
CA LEU D 130 15.29 26.10 -9.38
C LEU D 130 13.97 26.42 -10.04
N CYS D 131 13.55 25.53 -10.94
CA CYS D 131 12.29 25.64 -11.67
C CYS D 131 12.48 26.44 -12.97
N GLN D 132 13.72 26.68 -13.35
CA GLN D 132 14.02 27.33 -14.60
C GLN D 132 13.62 26.44 -15.78
N LYS D 133 13.80 25.12 -15.62
CA LYS D 133 13.53 24.16 -16.67
C LYS D 133 12.48 23.10 -16.27
N MET D 134 12.38 22.78 -14.99
CA MET D 134 11.52 21.66 -14.55
C MET D 134 10.61 21.95 -13.35
N PRO D 135 9.53 21.19 -13.22
CA PRO D 135 8.66 21.34 -12.07
C PRO D 135 9.14 20.55 -10.86
N VAL D 136 8.57 20.87 -9.72
CA VAL D 136 8.83 20.15 -8.48
C VAL D 136 7.78 19.05 -8.28
N PRO D 137 8.20 17.80 -8.39
CA PRO D 137 7.30 16.67 -8.06
C PRO D 137 6.94 16.67 -6.58
N ILE D 138 5.67 16.45 -6.28
CA ILE D 138 5.19 16.44 -4.90
C ILE D 138 4.38 15.15 -4.69
N GLU D 139 4.85 14.28 -3.82
CA GLU D 139 4.14 13.04 -3.55
C GLU D 139 3.06 13.26 -2.49
N VAL D 140 1.85 12.86 -2.82
CA VAL D 140 0.70 13.13 -1.97
C VAL D 140 -0.21 11.94 -1.72
N ILE D 141 -0.91 11.99 -0.57
CA ILE D 141 -1.88 10.97 -0.18
C ILE D 141 -3.03 11.12 -1.16
N PRO D 142 -3.43 10.03 -1.83
CA PRO D 142 -4.42 10.15 -2.88
C PRO D 142 -5.62 11.01 -2.58
N GLN D 143 -6.28 10.84 -1.43
CA GLN D 143 -7.52 11.59 -1.24
C GLN D 143 -7.33 13.07 -0.97
N ALA D 144 -6.07 13.45 -0.74
CA ALA D 144 -5.76 14.85 -0.48
C ALA D 144 -5.35 15.58 -1.75
N TRP D 145 -5.33 14.92 -2.88
CA TRP D 145 -4.71 15.53 -4.08
C TRP D 145 -5.36 16.81 -4.57
N LYS D 146 -6.68 16.84 -4.54
CA LYS D 146 -7.44 17.98 -5.10
C LYS D 146 -7.30 19.18 -4.18
N ALA D 147 -7.39 18.94 -2.88
CA ALA D 147 -7.24 20.01 -1.91
C ALA D 147 -5.84 20.60 -1.99
N ILE D 148 -4.85 19.74 -2.09
CA ILE D 148 -3.46 20.21 -2.19
C ILE D 148 -3.23 21.02 -3.47
N ILE D 149 -3.80 20.58 -4.58
CA ILE D 149 -3.54 21.29 -5.82
C ILE D 149 -4.16 22.69 -5.68
N GLU D 150 -5.34 22.77 -5.09
CA GLU D 150 -6.01 24.07 -4.88
C GLU D 150 -5.18 24.96 -3.96
N GLU D 151 -4.69 24.37 -2.88
CA GLU D 151 -3.93 25.13 -1.90
C GLU D 151 -2.59 25.61 -2.44
N LEU D 152 -2.10 24.99 -3.51
CA LEU D 152 -0.84 25.41 -4.06
C LEU D 152 -1.04 26.74 -4.78
N SER D 153 -2.31 27.14 -4.96
CA SER D 153 -2.65 28.35 -5.72
C SER D 153 -1.89 29.54 -5.21
N ILE D 154 -1.78 29.64 -3.89
CA ILE D 154 -1.12 30.79 -3.28
C ILE D 154 0.30 30.98 -3.72
N PHE D 155 0.91 29.94 -4.27
CA PHE D 155 2.32 30.04 -4.65
C PHE D 155 2.43 30.46 -6.09
N ASN D 156 1.29 30.49 -6.79
CA ASN D 156 1.24 30.89 -8.18
C ASN D 156 1.87 29.77 -8.99
N ALA D 157 1.83 28.59 -8.40
CA ALA D 157 2.34 27.44 -9.12
C ALA D 157 1.22 26.95 -10.01
N LYS D 158 1.60 26.48 -11.19
CA LYS D 158 0.72 25.76 -12.07
C LYS D 158 0.99 24.30 -11.69
N ALA D 159 0.01 23.63 -11.09
CA ALA D 159 0.22 22.25 -10.65
C ALA D 159 -0.73 21.28 -11.36
N GLU D 160 -0.19 20.13 -11.78
CA GLU D 160 -0.96 19.06 -12.43
C GLU D 160 -0.69 17.66 -11.83
N LEU D 161 -1.74 16.86 -11.70
CA LEU D 161 -1.63 15.48 -11.25
C LEU D 161 -0.96 14.69 -12.35
N ARG D 162 0.08 13.93 -12.03
CA ARG D 162 0.84 13.21 -13.03
C ARG D 162 0.06 11.99 -13.44
N MET D 163 -0.13 11.82 -14.74
CA MET D 163 -0.98 10.77 -15.26
C MET D 163 -0.21 9.60 -15.86
N GLY D 164 -0.75 8.41 -15.67
CA GLY D 164 -0.15 7.19 -16.18
C GLY D 164 -0.21 7.10 -17.70
N VAL D 165 0.79 6.46 -18.27
CA VAL D 165 0.86 6.14 -19.70
C VAL D 165 0.68 4.65 -19.86
N ASN D 166 1.43 3.86 -19.09
CA ASN D 166 1.19 2.43 -19.06
C ASN D 166 0.17 1.91 -18.01
N LYS D 167 -0.61 2.82 -17.48
CA LYS D 167 -1.79 2.50 -16.73
C LYS D 167 -2.72 3.64 -17.00
N ASP D 168 -4.01 3.41 -16.83
CA ASP D 168 -5.01 4.46 -16.82
C ASP D 168 -4.98 5.13 -15.44
N GLY D 169 -5.56 6.34 -15.35
CA GLY D 169 -5.61 7.07 -14.10
C GLY D 169 -4.23 7.63 -13.72
N PRO D 170 -4.07 8.06 -12.48
CA PRO D 170 -2.82 8.73 -12.08
C PRO D 170 -1.64 7.79 -11.90
N VAL D 171 -0.43 8.31 -12.10
CA VAL D 171 0.76 7.55 -11.76
C VAL D 171 0.69 7.17 -10.28
N ILE D 172 1.04 5.94 -9.96
CA ILE D 172 1.11 5.52 -8.56
C ILE D 172 2.55 5.30 -8.23
N THR D 173 2.99 5.88 -7.12
CA THR D 173 4.36 5.69 -6.73
C THR D 173 4.55 4.32 -6.13
N ASP D 174 5.80 4.00 -5.85
CA ASP D 174 6.15 2.73 -5.21
C ASP D 174 5.48 2.58 -3.87
N ASN D 175 5.18 3.68 -3.17
CA ASN D 175 4.43 3.60 -1.90
C ASN D 175 2.91 3.76 -1.98
N GLY D 176 2.38 3.88 -3.18
CA GLY D 176 0.94 3.84 -3.36
C GLY D 176 0.33 5.21 -3.44
N ASN D 177 1.17 6.22 -3.69
CA ASN D 177 0.71 7.61 -3.66
C ASN D 177 0.67 8.21 -5.03
N PHE D 178 0.09 9.41 -5.11
CA PHE D 178 0.02 10.18 -6.34
C PHE D 178 1.18 11.16 -6.34
N ILE D 179 1.43 11.72 -7.52
CA ILE D 179 2.39 12.79 -7.69
C ILE D 179 1.71 13.91 -8.37
N ILE D 180 1.90 15.11 -7.81
CA ILE D 180 1.56 16.38 -8.46
C ILE D 180 2.85 17.04 -8.88
N ASP D 181 2.96 17.41 -10.14
CA ASP D 181 4.12 18.16 -10.60
C ASP D 181 3.73 19.65 -10.57
N ALA D 182 4.56 20.43 -9.88
CA ALA D 182 4.30 21.83 -9.66
C ALA D 182 5.45 22.74 -10.12
N LYS D 183 5.11 23.60 -11.08
CA LYS D 183 6.05 24.49 -11.69
C LYS D 183 5.83 25.84 -11.05
N PHE D 184 6.66 26.18 -10.07
CA PHE D 184 6.63 27.46 -9.39
C PHE D 184 7.40 28.47 -10.27
N PRO D 185 7.10 29.75 -10.14
CA PRO D 185 7.78 30.80 -10.91
C PRO D 185 9.31 30.68 -10.83
N ARG D 186 9.83 30.70 -9.61
CA ARG D 186 11.24 30.51 -9.36
C ARG D 186 11.41 30.51 -7.85
N ILE D 187 12.18 29.58 -7.33
CA ILE D 187 12.22 29.41 -5.89
C ILE D 187 13.36 30.22 -5.30
N ASP D 188 13.00 31.15 -4.43
CA ASP D 188 13.96 32.06 -3.80
C ASP D 188 14.81 31.30 -2.82
N ASP D 189 14.12 30.69 -1.85
CA ASP D 189 14.79 29.91 -0.81
C ASP D 189 14.33 28.47 -0.91
N PRO D 190 15.05 27.67 -1.69
CA PRO D 190 14.68 26.26 -1.84
C PRO D 190 14.39 25.60 -0.50
N LEU D 191 15.23 25.85 0.50
CA LEU D 191 15.06 25.21 1.78
C LEU D 191 13.72 25.53 2.45
N ASP D 192 13.35 26.80 2.48
CA ASP D 192 12.10 27.21 3.10
C ASP D 192 10.92 26.57 2.37
N MET D 193 10.97 26.55 1.05
CA MET D 193 9.89 26.01 0.25
C MET D 193 9.78 24.50 0.50
N GLU D 194 10.91 23.82 0.39
CA GLU D 194 10.99 22.39 0.73
C GLU D 194 10.27 22.12 2.04
N ILE D 195 10.55 22.94 3.05
CA ILE D 195 9.87 22.74 4.37
C ILE D 195 8.39 23.08 4.34
N GLU D 196 8.05 24.19 3.69
CA GLU D 196 6.66 24.65 3.68
C GLU D 196 5.77 23.64 2.96
N LEU D 197 6.27 23.05 1.89
CA LEU D 197 5.46 22.06 1.17
C LEU D 197 5.17 20.85 2.01
N ASN D 198 6.16 20.39 2.75
CA ASN D 198 5.96 19.20 3.53
C ASN D 198 5.07 19.43 4.72
N THR D 199 4.92 20.69 5.15
CA THR D 199 4.08 20.98 6.31
C THR D 199 2.60 20.84 6.04
N ILE D 200 2.24 20.78 4.76
CA ILE D 200 0.86 20.61 4.36
C ILE D 200 0.44 19.17 4.62
N PRO D 201 -0.60 18.98 5.43
CA PRO D 201 -1.12 17.62 5.68
C PRO D 201 -1.52 16.97 4.37
N GLY D 202 -0.93 15.82 4.07
CA GLY D 202 -1.24 15.15 2.84
C GLY D 202 -0.08 15.21 1.89
N VAL D 203 0.83 16.19 2.06
CA VAL D 203 2.03 16.21 1.26
C VAL D 203 3.02 15.33 2.01
N ILE D 204 3.47 14.28 1.34
CA ILE D 204 4.37 13.28 1.90
C ILE D 204 5.83 13.67 1.71
N GLU D 205 6.15 14.10 0.51
CA GLU D 205 7.53 14.47 0.21
C GLU D 205 7.54 15.33 -1.04
N ASN D 206 8.55 16.17 -1.19
CA ASN D 206 8.67 16.98 -2.38
C ASN D 206 10.06 16.89 -2.94
N GLY D 207 10.19 17.23 -4.22
CA GLY D 207 11.41 17.06 -4.99
C GLY D 207 12.52 18.08 -4.81
N ILE D 208 12.29 19.08 -3.99
CA ILE D 208 13.35 20.01 -3.64
C ILE D 208 14.28 19.32 -2.67
N PHE D 209 15.52 19.12 -3.08
CA PHE D 209 16.56 18.55 -2.23
C PHE D 209 17.56 19.68 -1.97
N ALA D 210 17.29 20.49 -0.96
CA ALA D 210 18.15 21.63 -0.65
C ALA D 210 19.11 21.25 0.49
N ASP D 211 20.29 21.84 0.50
CA ASP D 211 21.20 21.65 1.62
C ASP D 211 21.45 20.21 1.98
N ILE D 212 21.69 19.38 0.96
CA ILE D 212 21.90 17.97 1.21
C ILE D 212 22.95 17.39 0.24
N ALA D 213 23.00 17.86 -0.99
CA ALA D 213 24.04 17.44 -1.92
C ALA D 213 25.41 17.94 -1.44
N ASP D 214 26.43 17.12 -1.60
CA ASP D 214 27.75 17.49 -1.12
C ASP D 214 28.61 17.76 -2.31
N ILE D 215 28.43 16.94 -3.33
CA ILE D 215 29.25 17.02 -4.51
C ILE D 215 28.39 16.78 -5.73
N VAL D 216 28.60 17.58 -6.77
CA VAL D 216 27.88 17.37 -8.00
C VAL D 216 28.90 17.16 -9.08
N ILE D 217 28.86 16.00 -9.68
CA ILE D 217 29.70 15.70 -10.81
C ILE D 217 28.93 15.95 -12.09
N VAL D 218 29.50 16.74 -12.98
CA VAL D 218 28.81 17.18 -14.19
C VAL D 218 29.55 16.79 -15.47
N GLY D 219 28.91 15.95 -16.27
CA GLY D 219 29.44 15.61 -17.59
C GLY D 219 29.07 16.77 -18.51
N THR D 220 30.07 17.32 -19.20
CA THR D 220 29.87 18.42 -20.17
C THR D 220 30.50 18.05 -21.49
N ARG D 221 30.35 18.93 -22.47
CA ARG D 221 31.00 18.74 -23.76
C ARG D 221 32.53 18.82 -23.59
N GLU D 222 33.01 19.63 -22.65
CA GLU D 222 34.45 19.78 -22.39
C GLU D 222 35.08 18.65 -21.56
N GLY D 223 34.28 17.67 -21.16
CA GLY D 223 34.74 16.65 -20.24
C GLY D 223 34.16 16.90 -18.84
N VAL D 224 34.56 16.09 -17.88
CA VAL D 224 34.03 16.14 -16.53
C VAL D 224 34.45 17.35 -15.70
N LYS D 225 33.52 17.88 -14.90
CA LYS D 225 33.83 18.91 -13.93
C LYS D 225 33.13 18.59 -12.62
N LYS D 226 33.70 19.05 -11.52
CA LYS D 226 33.17 18.78 -10.18
C LYS D 226 32.81 20.05 -9.45
N LEU D 227 31.69 20.02 -8.74
CA LEU D 227 31.22 21.14 -7.95
C LEU D 227 31.02 20.67 -6.51
N GLU D 228 31.53 21.47 -5.58
CA GLU D 228 31.46 21.21 -4.16
C GLU D 228 31.01 22.47 -3.48
N ARG D 229 30.50 22.32 -2.27
CA ARG D 229 30.10 23.48 -1.50
C ARG D 229 31.17 23.80 -0.47
CL CL E . 0.86 -15.63 9.73
CL CL F . 5.09 -8.62 9.92
CL CL G . -3.01 -4.99 16.62
NA NA H . -1.24 -3.30 -1.30
OH2 DER I . 1.00 -16.71 11.06
C1 DER I . 1.29 -17.91 11.00
OH1 DER I . 0.86 -18.61 10.08
C2 DER I . 2.14 -18.53 12.07
O2 DER I . 3.18 -19.34 11.54
C3 DER I . 1.19 -19.41 12.89
O3 DER I . 0.67 -20.38 12.01
C4 DER I . 1.89 -20.10 14.05
O4 DER I . 2.59 -19.13 14.85
P DER I . 3.07 -19.62 16.29
O1P DER I . 3.28 -18.42 17.19
O2P DER I . 4.33 -20.40 16.01
O3P DER I . 1.92 -20.42 16.84
CL CL J . -7.95 -2.05 -16.55
CL CL K . -6.63 4.39 -11.79
CL CL L . 3.27 5.19 -16.71
OH2 DER M . -8.46 -1.62 -18.09
C1 DER M . -9.34 -2.07 -18.85
OH1 DER M . -9.57 -3.27 -18.90
C2 DER M . -10.13 -1.14 -19.76
O2 DER M . -11.51 -1.49 -19.82
C3 DER M . -9.49 -1.25 -21.13
O3 DER M . -8.87 -2.50 -21.25
C4 DER M . -10.46 -0.99 -22.28
O4 DER M . -10.17 0.37 -22.52
P DER M . -10.67 1.20 -23.79
O1P DER M . -10.00 2.53 -23.58
O2P DER M . -12.16 1.28 -23.59
O3P DER M . -10.05 0.55 -25.02
CL CL N . -5.48 7.84 15.65
CL CL O . -8.73 2.31 10.83
NA NA P . 1.37 3.44 1.25
OH2 DER Q . -6.23 8.19 17.25
C1 DER Q . -6.68 9.21 17.79
OH1 DER Q . -6.18 10.32 17.58
C2 DER Q . -7.87 9.12 18.70
O2 DER Q . -8.75 10.20 18.40
C3 DER Q . -7.42 9.16 20.15
O3 DER Q . -6.75 10.38 20.34
C4 DER Q . -8.59 9.12 21.14
O4 DER Q . -9.11 7.82 21.34
P DER Q . -10.23 7.62 22.49
O1P DER Q . -10.66 6.19 22.31
O2P DER Q . -11.33 8.58 22.18
O3P DER Q . -9.53 7.75 23.85
CL CL R . 12.81 9.99 -8.72
CL CL S . 10.79 2.13 -9.02
OH2 DER T . 13.98 10.67 -10.20
C1 DER T . 15.04 11.30 -10.09
OH1 DER T . 15.13 12.22 -9.28
C2 DER T . 16.23 10.94 -10.97
O2 DER T . 17.46 10.84 -10.24
C3 DER T . 16.28 11.99 -12.07
O3 DER T . 16.16 13.28 -11.49
C4 DER T . 17.52 11.96 -12.95
O4 DER T . 17.27 11.00 -14.00
P DER T . 18.32 10.88 -15.20
O1P DER T . 17.85 9.83 -16.17
O2P DER T . 19.68 10.71 -14.64
O3P DER T . 18.03 12.19 -15.92
#